data_3FTP
#
_entry.id   3FTP
#
_cell.length_a   86.620
_cell.length_b   89.900
_cell.length_c   120.240
_cell.angle_alpha   90.00
_cell.angle_beta   90.00
_cell.angle_gamma   90.00
#
_symmetry.space_group_name_H-M   'P 21 21 21'
#
loop_
_entity.id
_entity.type
_entity.pdbx_description
1 polymer '3-oxoacyl-[acyl-carrier protein] reductase'
2 water water
#
_entity_poly.entity_id   1
_entity_poly.type   'polypeptide(L)'
_entity_poly.pdbx_seq_one_letter_code
;MAHHHHHHMGTLEAQTQGPGSMDKTLDKQVAIVTGASRGIGRAIALELARRGAMVIGTATTEAGAEGIGAAFKQAGLEGR
GAVLNVNDATAVDALVESTLKEFGALNVLVNNAGITQDQLAMRMKDDEWDAVIDTNLKAVFRLSRAVLRPMMKARGGRIV
NITSVVGSAGNPGQVNYAAAKAGVAGMTRALAREIGSRGITVNCVAPGFIDTDMTKGLPQEQQTALKTQIPLGRLGSPED
IAHAVAFLASPQAGYITGTTLHVNGGMFMS
;
_entity_poly.pdbx_strand_id   A,B,C,D
#
# COMPACT_ATOMS: atom_id res chain seq x y z
N ASP A 23 1.18 33.61 -8.72
CA ASP A 23 2.52 32.95 -8.69
C ASP A 23 3.00 32.71 -7.26
N LYS A 24 2.75 33.68 -6.39
CA LYS A 24 3.41 33.80 -5.10
C LYS A 24 2.67 33.10 -3.93
N THR A 25 2.33 31.82 -4.08
CA THR A 25 1.66 31.08 -3.01
C THR A 25 2.47 30.93 -1.70
N LEU A 26 3.79 31.10 -1.76
CA LEU A 26 4.62 30.98 -0.54
C LEU A 26 5.22 32.30 -0.12
N ASP A 27 4.54 33.37 -0.50
CA ASP A 27 4.98 34.73 -0.17
C ASP A 27 5.13 34.87 1.33
N LYS A 28 6.19 35.55 1.74
CA LYS A 28 6.52 35.70 3.16
C LYS A 28 6.75 34.38 3.92
N GLN A 29 6.76 33.23 3.26
CA GLN A 29 7.13 32.03 4.02
C GLN A 29 8.61 31.88 4.02
N VAL A 30 9.10 31.17 5.05
CA VAL A 30 10.52 30.87 5.18
C VAL A 30 10.70 29.35 5.11
N ALA A 31 11.67 28.94 4.29
CA ALA A 31 11.87 27.54 3.99
C ALA A 31 13.34 27.16 4.14
N ILE A 32 13.59 25.99 4.73
CA ILE A 32 14.91 25.36 4.70
C ILE A 32 14.89 24.12 3.80
N VAL A 33 15.82 24.02 2.86
CA VAL A 33 15.91 22.87 1.97
C VAL A 33 17.28 22.27 2.23
N THR A 34 17.34 21.11 2.89
CA THR A 34 18.66 20.46 3.13
C THR A 34 19.12 19.76 1.88
N GLY A 35 20.43 19.69 1.69
CA GLY A 35 21.01 19.12 0.45
C GLY A 35 20.56 19.84 -0.81
N ALA A 36 20.59 21.18 -0.80
CA ALA A 36 20.13 21.97 -1.95
C ALA A 36 21.18 22.26 -3.05
N SER A 37 22.30 21.56 -3.04
CA SER A 37 23.39 21.94 -3.95
C SER A 37 23.18 21.59 -5.44
N ARG A 38 22.69 20.39 -5.76
CA ARG A 38 22.55 20.00 -7.19
C ARG A 38 21.22 19.29 -7.46
N GLY A 39 21.07 18.78 -8.68
CA GLY A 39 19.83 18.21 -9.17
C GLY A 39 18.56 18.60 -8.40
N ILE A 40 18.00 17.63 -7.68
CA ILE A 40 16.65 17.76 -7.13
C ILE A 40 16.56 18.84 -6.05
N GLY A 41 17.52 18.84 -5.12
CA GLY A 41 17.57 19.84 -4.04
C GLY A 41 17.65 21.27 -4.53
N ARG A 42 18.43 21.47 -5.59
CA ARG A 42 18.56 22.80 -6.22
C ARG A 42 17.28 23.23 -6.95
N ALA A 43 16.67 22.32 -7.70
CA ALA A 43 15.40 22.64 -8.36
C ALA A 43 14.32 22.97 -7.32
N ILE A 44 14.32 22.22 -6.21
CA ILE A 44 13.32 22.40 -5.15
C ILE A 44 13.50 23.78 -4.56
N ALA A 45 14.76 24.10 -4.20
CA ALA A 45 15.11 25.42 -3.67
C ALA A 45 14.74 26.57 -4.58
N LEU A 46 15.07 26.46 -5.86
CA LEU A 46 14.77 27.54 -6.81
C LEU A 46 13.26 27.72 -6.87
N GLU A 47 12.54 26.61 -6.98
CA GLU A 47 11.12 26.66 -7.19
C GLU A 47 10.38 27.26 -6.01
N LEU A 48 10.83 26.93 -4.81
CA LEU A 48 10.23 27.47 -3.62
C LEU A 48 10.49 28.97 -3.63
N ALA A 49 11.69 29.36 -4.05
CA ALA A 49 12.01 30.77 -4.17
C ALA A 49 11.08 31.43 -5.19
N ARG A 50 10.95 30.88 -6.39
CA ARG A 50 10.03 31.46 -7.37
C ARG A 50 8.61 31.69 -6.86
N ARG A 51 8.17 30.94 -5.84
CA ARG A 51 6.81 31.13 -5.33
C ARG A 51 6.71 32.10 -4.17
N GLY A 52 7.82 32.80 -3.91
CA GLY A 52 7.86 33.90 -2.96
C GLY A 52 8.40 33.57 -1.59
N ALA A 53 8.85 32.34 -1.38
CA ALA A 53 9.47 31.97 -0.10
C ALA A 53 10.89 32.49 -0.04
N MET A 54 11.32 32.82 1.18
CA MET A 54 12.72 32.96 1.54
C MET A 54 13.25 31.55 1.82
N VAL A 55 14.28 31.16 1.08
CA VAL A 55 14.81 29.81 1.13
C VAL A 55 16.25 29.81 1.58
N ILE A 56 16.52 29.07 2.66
CA ILE A 56 17.87 28.72 3.03
C ILE A 56 18.11 27.29 2.56
N GLY A 57 18.92 27.18 1.51
CA GLY A 57 19.39 25.88 1.00
C GLY A 57 20.71 25.48 1.67
N THR A 58 20.86 24.22 2.06
CA THR A 58 22.07 23.78 2.76
C THR A 58 22.93 22.83 1.89
N ALA A 59 24.24 22.89 2.12
CA ALA A 59 25.20 21.94 1.52
C ALA A 59 26.26 21.54 2.54
N THR A 60 26.93 20.42 2.31
CA THR A 60 27.84 19.84 3.29
C THR A 60 29.10 20.68 3.41
N THR A 61 29.47 21.38 2.32
CA THR A 61 30.70 22.21 2.25
C THR A 61 30.47 23.66 1.84
N GLU A 62 31.50 24.48 2.06
CA GLU A 62 31.36 25.92 1.86
C GLU A 62 31.16 26.32 0.40
N ALA A 63 31.82 25.61 -0.51
CA ALA A 63 31.64 25.85 -1.94
C ALA A 63 30.18 25.58 -2.31
N GLY A 64 29.69 24.43 -1.85
CA GLY A 64 28.26 24.06 -2.00
C GLY A 64 27.33 25.18 -1.55
N ALA A 65 27.62 25.79 -0.41
CA ALA A 65 26.82 26.90 0.11
C ALA A 65 26.87 28.07 -0.82
N GLU A 66 28.09 28.49 -1.17
CA GLU A 66 28.28 29.65 -2.05
C GLU A 66 27.54 29.48 -3.35
N GLY A 67 27.65 28.31 -3.94
CA GLY A 67 26.98 28.03 -5.19
C GLY A 67 25.47 28.13 -5.09
N ILE A 68 24.91 27.83 -3.93
CA ILE A 68 23.46 27.90 -3.74
C ILE A 68 23.04 29.35 -3.74
N GLY A 69 23.79 30.21 -3.04
CA GLY A 69 23.58 31.66 -3.15
C GLY A 69 23.60 32.10 -4.62
N ALA A 70 24.63 31.66 -5.33
CA ALA A 70 24.88 32.15 -6.69
C ALA A 70 23.82 31.66 -7.66
N ALA A 71 23.26 30.49 -7.41
CA ALA A 71 22.14 30.00 -8.20
C ALA A 71 20.87 30.84 -7.93
N PHE A 72 20.62 31.23 -6.70
CA PHE A 72 19.49 32.13 -6.43
C PHE A 72 19.77 33.47 -7.13
N LYS A 73 20.82 34.14 -6.67
CA LYS A 73 21.36 35.35 -7.30
C LYS A 73 21.09 35.30 -8.78
N GLN A 74 21.54 34.23 -9.42
CA GLN A 74 21.46 34.12 -10.87
C GLN A 74 20.06 34.10 -11.45
N ALA A 75 19.14 33.41 -10.80
CA ALA A 75 17.78 33.31 -11.33
C ALA A 75 16.93 34.54 -10.99
N GLY A 76 17.52 35.51 -10.30
CA GLY A 76 16.85 36.75 -9.98
C GLY A 76 15.99 36.62 -8.75
N LEU A 77 16.49 35.89 -7.74
CA LEU A 77 15.67 35.49 -6.57
C LEU A 77 16.40 35.71 -5.27
N GLU A 78 15.70 36.14 -4.24
CA GLU A 78 16.20 36.07 -2.88
C GLU A 78 16.55 34.60 -2.63
N GLY A 79 17.40 34.35 -1.65
CA GLY A 79 17.76 32.99 -1.27
C GLY A 79 19.17 32.94 -0.73
N ARG A 80 19.42 31.95 0.11
CA ARG A 80 20.67 31.83 0.82
C ARG A 80 21.17 30.38 0.79
N GLY A 81 22.46 30.19 0.47
CA GLY A 81 23.17 28.95 0.79
C GLY A 81 23.69 28.99 2.23
N ALA A 82 23.85 27.83 2.87
CA ALA A 82 24.52 27.69 4.20
C ALA A 82 25.17 26.31 4.33
N VAL A 83 26.25 26.23 5.10
CA VAL A 83 26.93 24.95 5.34
C VAL A 83 26.22 24.21 6.45
N LEU A 84 25.87 22.94 6.21
CA LEU A 84 25.31 22.14 7.29
C LEU A 84 25.65 20.67 7.16
N ASN A 85 26.05 20.12 8.30
CA ASN A 85 26.25 18.69 8.44
C ASN A 85 25.01 18.24 9.19
N VAL A 86 24.18 17.47 8.50
CA VAL A 86 22.84 17.14 9.00
C VAL A 86 22.91 16.13 10.15
N ASN A 87 24.08 15.52 10.31
CA ASN A 87 24.30 14.60 11.42
C ASN A 87 24.76 15.31 12.67
N ASP A 88 25.09 16.59 12.53
CA ASP A 88 25.59 17.39 13.66
C ASP A 88 24.43 18.16 14.30
N ALA A 89 24.04 17.69 15.48
CA ALA A 89 22.88 18.21 16.17
C ALA A 89 23.08 19.69 16.51
N THR A 90 24.30 20.06 16.85
CA THR A 90 24.56 21.40 17.30
C THR A 90 24.33 22.33 16.15
N ALA A 91 24.87 21.96 15.00
CA ALA A 91 24.72 22.71 13.77
C ALA A 91 23.24 22.82 13.36
N VAL A 92 22.52 21.70 13.47
CA VAL A 92 21.09 21.64 13.12
C VAL A 92 20.32 22.64 13.99
N ASP A 93 20.54 22.60 15.30
CA ASP A 93 19.83 23.51 16.20
C ASP A 93 20.21 24.95 15.95
N ALA A 94 21.47 25.20 15.59
CA ALA A 94 21.92 26.54 15.32
C ALA A 94 21.31 27.08 14.04
N LEU A 95 21.01 26.21 13.09
CA LEU A 95 20.40 26.68 11.86
C LEU A 95 18.99 27.12 12.17
N VAL A 96 18.29 26.34 12.98
CA VAL A 96 16.92 26.70 13.36
C VAL A 96 16.90 28.04 14.13
N GLU A 97 17.73 28.11 15.16
CA GLU A 97 17.84 29.30 15.98
C GLU A 97 18.20 30.53 15.17
N SER A 98 19.20 30.44 14.32
CA SER A 98 19.61 31.58 13.55
C SER A 98 18.49 31.95 12.59
N THR A 99 17.85 30.95 12.00
CA THR A 99 16.74 31.22 11.09
C THR A 99 15.56 31.94 11.76
N LEU A 100 15.22 31.52 12.96
CA LEU A 100 14.18 32.21 13.73
C LEU A 100 14.55 33.64 14.12
N LYS A 101 15.80 33.82 14.52
CA LYS A 101 16.32 35.14 14.90
C LYS A 101 16.22 36.15 13.72
N GLU A 102 16.62 35.74 12.53
CA GLU A 102 16.59 36.64 11.38
C GLU A 102 15.20 36.83 10.83
N PHE A 103 14.45 35.73 10.73
CA PHE A 103 13.19 35.75 10.04
C PHE A 103 11.95 35.71 10.90
N GLY A 104 12.05 35.30 12.16
CA GLY A 104 10.90 35.25 13.04
C GLY A 104 9.95 34.09 12.77
N ALA A 105 10.31 33.17 11.88
CA ALA A 105 9.40 32.13 11.43
C ALA A 105 10.19 31.04 10.69
N LEU A 106 9.65 29.83 10.72
CA LEU A 106 10.18 28.69 9.98
C LEU A 106 8.96 27.87 9.56
N ASN A 107 8.60 27.97 8.28
CA ASN A 107 7.35 27.46 7.82
C ASN A 107 7.45 26.16 7.04
N VAL A 108 8.53 25.99 6.28
CA VAL A 108 8.69 24.82 5.41
C VAL A 108 10.07 24.20 5.74
N LEU A 109 10.07 22.88 5.95
CA LEU A 109 11.35 22.13 5.99
C LEU A 109 11.25 21.12 4.91
N VAL A 110 12.21 21.12 3.99
CA VAL A 110 12.33 20.08 2.97
C VAL A 110 13.59 19.27 3.26
N ASN A 111 13.42 17.99 3.60
CA ASN A 111 14.54 17.13 3.94
C ASN A 111 14.98 16.42 2.70
N ASN A 112 16.05 16.94 2.08
CA ASN A 112 16.62 16.33 0.87
C ASN A 112 18.06 15.85 1.05
N ALA A 113 18.70 16.15 2.17
CA ALA A 113 20.02 15.63 2.49
C ALA A 113 19.96 14.11 2.46
N GLY A 114 20.70 13.51 1.56
CA GLY A 114 20.77 12.06 1.51
C GLY A 114 21.95 11.64 0.67
N ILE A 115 22.50 10.49 1.03
CA ILE A 115 23.59 9.86 0.30
C ILE A 115 23.23 8.39 0.18
N THR A 116 23.82 7.72 -0.78
CA THR A 116 23.66 6.28 -0.96
C THR A 116 25.02 5.67 -0.67
N GLN A 117 25.02 4.44 -0.14
CA GLN A 117 26.28 3.65 -0.01
C GLN A 117 25.89 2.26 -0.51
N ASP A 118 25.76 2.15 -1.83
CA ASP A 118 25.28 0.93 -2.46
C ASP A 118 26.28 -0.21 -2.32
N GLN A 119 25.74 -1.36 -1.93
CA GLN A 119 26.50 -2.59 -1.84
C GLN A 119 25.52 -3.74 -1.50
N LEU A 120 25.82 -4.94 -2.01
CA LEU A 120 25.11 -6.17 -1.62
C LEU A 120 25.08 -6.26 -0.10
N ALA A 121 23.92 -6.65 0.46
CA ALA A 121 23.78 -6.79 1.92
C ALA A 121 24.87 -7.67 2.52
N MET A 122 25.25 -8.71 1.77
CA MET A 122 26.25 -9.70 2.20
C MET A 122 27.62 -9.07 2.49
N ARG A 123 28.05 -8.23 1.55
CA ARG A 123 29.30 -7.49 1.66
C ARG A 123 29.19 -6.13 2.40
N MET A 124 27.97 -5.62 2.60
CA MET A 124 27.74 -4.31 3.22
C MET A 124 28.41 -4.17 4.62
N LYS A 125 29.42 -3.29 4.69
CA LYS A 125 30.09 -2.98 5.97
C LYS A 125 29.18 -2.22 6.93
N ASP A 126 29.46 -2.35 8.23
CA ASP A 126 28.64 -1.72 9.28
C ASP A 126 28.55 -0.22 8.99
N ASP A 127 29.71 0.37 8.73
CA ASP A 127 29.84 1.78 8.36
C ASP A 127 28.99 2.19 7.13
N GLU A 128 28.82 1.28 6.17
CA GLU A 128 27.98 1.56 5.00
C GLU A 128 26.50 1.60 5.37
N TRP A 129 26.11 0.75 6.32
CA TRP A 129 24.76 0.72 6.82
C TRP A 129 24.49 1.95 7.69
N ASP A 130 25.37 2.18 8.67
CA ASP A 130 25.32 3.35 9.56
C ASP A 130 25.23 4.69 8.83
N ALA A 131 26.06 4.90 7.83
CA ALA A 131 26.08 6.19 7.17
C ALA A 131 24.75 6.49 6.50
N VAL A 132 24.15 5.46 5.90
CA VAL A 132 22.91 5.63 5.13
C VAL A 132 21.74 5.83 6.10
N ILE A 133 21.68 5.02 7.16
CA ILE A 133 20.69 5.19 8.22
C ILE A 133 20.81 6.53 8.98
N ASP A 134 22.02 6.91 9.38
CA ASP A 134 22.20 8.20 10.07
C ASP A 134 21.86 9.39 9.19
N THR A 135 22.41 9.47 7.98
CA THR A 135 22.10 10.60 7.09
C THR A 135 20.64 10.60 6.60
N ASN A 136 20.14 9.47 6.11
CA ASN A 136 18.82 9.45 5.47
C ASN A 136 17.63 9.25 6.41
N LEU A 137 17.86 8.78 7.63
CA LEU A 137 16.77 8.51 8.54
C LEU A 137 16.91 9.29 9.84
N LYS A 138 18.01 9.07 10.55
CA LYS A 138 18.19 9.74 11.83
C LYS A 138 18.20 11.26 11.64
N ALA A 139 18.93 11.76 10.64
CA ALA A 139 19.04 13.20 10.39
C ALA A 139 17.66 13.79 10.05
N VAL A 140 16.82 13.00 9.39
CA VAL A 140 15.47 13.42 9.03
C VAL A 140 14.64 13.58 10.28
N PHE A 141 14.77 12.64 11.23
CA PHE A 141 14.13 12.78 12.52
C PHE A 141 14.64 13.96 13.34
N ARG A 142 15.95 14.11 13.42
CA ARG A 142 16.52 15.24 14.17
C ARG A 142 16.06 16.60 13.67
N LEU A 143 16.19 16.82 12.37
CA LEU A 143 15.83 18.10 11.76
C LEU A 143 14.33 18.36 11.89
N SER A 144 13.53 17.34 11.61
CA SER A 144 12.10 17.37 11.87
C SER A 144 11.78 17.78 13.31
N ARG A 145 12.36 17.09 14.27
CA ARG A 145 12.18 17.43 15.66
C ARG A 145 12.58 18.90 15.95
N ALA A 146 13.68 19.39 15.39
CA ALA A 146 14.13 20.77 15.66
C ALA A 146 13.15 21.79 15.12
N VAL A 147 12.58 21.54 13.93
CA VAL A 147 11.65 22.51 13.36
C VAL A 147 10.27 22.47 13.98
N LEU A 148 9.95 21.40 14.70
CA LEU A 148 8.60 21.30 15.28
C LEU A 148 8.39 22.35 16.34
N ARG A 149 9.46 22.75 17.03
CA ARG A 149 9.32 23.75 18.10
C ARG A 149 8.76 25.03 17.54
N PRO A 150 9.42 25.63 16.58
CA PRO A 150 8.73 26.82 16.03
C PRO A 150 7.39 26.52 15.37
N MET A 151 7.27 25.42 14.62
CA MET A 151 6.01 25.18 13.87
C MET A 151 4.81 24.95 14.83
N MET A 152 5.05 24.19 15.89
CA MET A 152 4.06 23.91 16.93
C MET A 152 3.51 25.19 17.54
N LYS A 153 4.42 26.08 17.93
CA LYS A 153 4.08 27.35 18.56
C LYS A 153 3.41 28.27 17.58
N ALA A 154 3.80 28.21 16.30
CA ALA A 154 3.09 28.94 15.25
C ALA A 154 1.75 28.28 14.85
N ARG A 155 1.51 27.04 15.25
CA ARG A 155 0.39 26.25 14.74
C ARG A 155 0.27 26.17 13.20
N GLY A 156 1.39 25.87 12.55
CA GLY A 156 1.43 25.83 11.13
C GLY A 156 2.78 25.36 10.66
N GLY A 157 2.79 24.67 9.52
CA GLY A 157 4.02 24.41 8.85
C GLY A 157 3.94 23.25 7.92
N ARG A 158 5.07 23.00 7.27
CA ARG A 158 5.19 21.95 6.26
C ARG A 158 6.51 21.27 6.45
N ILE A 159 6.47 19.94 6.58
CA ILE A 159 7.64 19.09 6.41
C ILE A 159 7.47 18.22 5.19
N VAL A 160 8.37 18.36 4.23
CA VAL A 160 8.34 17.50 3.08
C VAL A 160 9.63 16.68 3.04
N ASN A 161 9.50 15.36 3.12
CA ASN A 161 10.70 14.50 3.12
C ASN A 161 10.89 13.91 1.75
N ILE A 162 12.10 14.05 1.21
CA ILE A 162 12.37 13.53 -0.11
C ILE A 162 12.95 12.15 0.12
N THR A 163 12.21 11.14 -0.34
CA THR A 163 12.62 9.76 -0.19
C THR A 163 13.04 9.17 -1.52
N SER A 164 12.30 8.19 -1.99
CA SER A 164 12.69 7.43 -3.17
C SER A 164 11.76 6.25 -3.32
N VAL A 165 11.46 5.94 -4.58
CA VAL A 165 10.74 4.72 -4.95
C VAL A 165 11.33 3.47 -4.30
N VAL A 166 12.62 3.55 -3.94
CA VAL A 166 13.38 2.42 -3.42
C VAL A 166 12.83 2.06 -2.05
N GLY A 167 12.37 3.09 -1.32
CA GLY A 167 11.60 2.90 -0.08
C GLY A 167 10.40 1.95 -0.19
N SER A 168 9.65 2.08 -1.30
CA SER A 168 8.39 1.35 -1.50
C SER A 168 8.55 0.00 -2.17
N ALA A 169 9.52 -0.07 -3.09
CA ALA A 169 9.70 -1.20 -4.03
C ALA A 169 10.96 -2.07 -3.79
N GLY A 170 11.98 -1.51 -3.13
CA GLY A 170 13.25 -2.20 -2.95
C GLY A 170 14.11 -2.07 -4.22
N ASN A 171 15.40 -2.35 -4.08
CA ASN A 171 16.31 -2.40 -5.22
C ASN A 171 17.59 -3.10 -4.77
N PRO A 172 18.03 -4.14 -5.52
CA PRO A 172 19.31 -4.78 -5.26
C PRO A 172 20.46 -3.78 -5.08
N GLY A 173 21.34 -4.05 -4.12
CA GLY A 173 22.45 -3.15 -3.85
C GLY A 173 22.13 -2.08 -2.82
N GLN A 174 20.83 -1.81 -2.62
CA GLN A 174 20.40 -0.70 -1.79
C GLN A 174 19.52 -1.15 -0.64
N VAL A 175 19.91 -2.20 0.09
CA VAL A 175 19.12 -2.64 1.24
C VAL A 175 19.14 -1.54 2.30
N ASN A 176 20.29 -0.89 2.49
CA ASN A 176 20.38 0.17 3.51
C ASN A 176 19.53 1.38 3.16
N TYR A 177 19.58 1.74 1.89
CA TYR A 177 18.79 2.86 1.37
C TYR A 177 17.29 2.52 1.45
N ALA A 178 16.90 1.31 1.05
CA ALA A 178 15.48 0.85 1.16
C ALA A 178 14.98 0.94 2.58
N ALA A 179 15.78 0.44 3.51
CA ALA A 179 15.46 0.53 4.91
C ALA A 179 15.22 1.98 5.36
N ALA A 180 16.13 2.86 5.03
CA ALA A 180 16.11 4.23 5.54
C ALA A 180 14.94 4.96 4.99
N LYS A 181 14.78 4.90 3.67
CA LYS A 181 13.64 5.55 3.03
C LYS A 181 12.28 4.95 3.46
N ALA A 182 12.15 3.62 3.60
CA ALA A 182 10.88 3.07 4.12
C ALA A 182 10.70 3.64 5.53
N GLY A 183 11.79 3.71 6.27
CA GLY A 183 11.81 4.31 7.59
C GLY A 183 11.29 5.74 7.70
N VAL A 184 11.71 6.59 6.76
CA VAL A 184 11.20 7.96 6.66
C VAL A 184 9.68 8.01 6.45
N ALA A 185 9.16 7.15 5.58
CA ALA A 185 7.72 7.11 5.36
C ALA A 185 7.04 6.68 6.63
N GLY A 186 7.56 5.65 7.29
CA GLY A 186 7.00 5.19 8.57
C GLY A 186 6.94 6.31 9.60
N MET A 187 8.07 7.01 9.71
CA MET A 187 8.16 8.13 10.59
C MET A 187 7.16 9.20 10.20
N THR A 188 7.02 9.48 8.91
CA THR A 188 6.14 10.51 8.42
C THR A 188 4.73 10.26 8.87
N ARG A 189 4.25 9.01 8.72
CA ARG A 189 2.87 8.69 9.11
C ARG A 189 2.65 8.91 10.61
N ALA A 190 3.60 8.44 11.41
CA ALA A 190 3.48 8.58 12.89
C ALA A 190 3.51 10.04 13.33
N LEU A 191 4.43 10.84 12.76
CA LEU A 191 4.53 12.25 13.13
C LEU A 191 3.28 13.04 12.71
N ALA A 192 2.77 12.75 11.52
CA ALA A 192 1.51 13.33 11.02
C ALA A 192 0.36 13.07 12.02
N ARG A 193 0.21 11.82 12.45
CA ARG A 193 -0.76 11.52 13.52
C ARG A 193 -0.42 12.29 14.80
N GLU A 194 0.85 12.35 15.17
CA GLU A 194 1.23 13.02 16.41
C GLU A 194 0.91 14.53 16.45
N ILE A 195 1.17 15.23 15.35
CA ILE A 195 1.20 16.70 15.33
C ILE A 195 0.12 17.30 14.44
N GLY A 196 -0.83 16.48 13.99
CA GLY A 196 -1.89 16.94 13.06
C GLY A 196 -2.82 17.97 13.69
N SER A 197 -3.07 17.89 14.98
CA SER A 197 -3.96 18.86 15.59
C SER A 197 -3.40 20.29 15.57
N ARG A 198 -2.10 20.46 15.37
CA ARG A 198 -1.47 21.79 15.30
C ARG A 198 -1.37 22.33 13.88
N GLY A 199 -1.95 21.60 12.93
CA GLY A 199 -1.99 22.05 11.56
C GLY A 199 -0.71 21.91 10.75
N ILE A 200 0.29 21.22 11.24
CA ILE A 200 1.44 20.96 10.43
C ILE A 200 1.18 19.67 9.63
N THR A 201 1.45 19.73 8.33
CA THR A 201 1.42 18.54 7.49
C THR A 201 2.84 18.03 7.30
N VAL A 202 2.98 16.71 7.23
CA VAL A 202 4.27 16.02 7.04
C VAL A 202 3.98 14.98 5.98
N ASN A 203 4.73 15.02 4.88
CA ASN A 203 4.50 14.20 3.72
C ASN A 203 5.84 13.83 3.10
N CYS A 204 5.88 12.76 2.31
CA CYS A 204 7.04 12.49 1.46
C CYS A 204 6.76 12.69 -0.01
N VAL A 205 7.83 12.85 -0.77
CA VAL A 205 7.78 12.83 -2.20
C VAL A 205 8.84 11.82 -2.56
N ALA A 206 8.42 10.75 -3.26
CA ALA A 206 9.27 9.62 -3.61
C ALA A 206 9.62 9.72 -5.08
N PRO A 207 10.78 10.29 -5.40
CA PRO A 207 11.25 10.29 -6.78
C PRO A 207 11.46 8.89 -7.37
N GLY A 208 11.20 8.75 -8.65
CA GLY A 208 11.55 7.56 -9.33
C GLY A 208 12.98 7.72 -9.82
N PHE A 209 13.22 7.38 -11.07
CA PHE A 209 14.55 7.53 -11.67
C PHE A 209 14.61 8.92 -12.28
N ILE A 210 15.44 9.77 -11.68
CA ILE A 210 15.52 11.15 -12.04
C ILE A 210 16.85 11.46 -12.74
N ASP A 211 16.74 12.23 -13.81
CA ASP A 211 17.88 12.60 -14.60
C ASP A 211 18.75 13.53 -13.80
N THR A 212 19.89 13.03 -13.35
CA THR A 212 20.87 13.85 -12.68
C THR A 212 22.29 13.56 -13.24
N ASP A 213 23.30 14.07 -12.53
CA ASP A 213 24.71 13.75 -12.78
C ASP A 213 24.95 12.25 -12.66
N MET A 214 24.45 11.66 -11.56
CA MET A 214 24.57 10.21 -11.30
C MET A 214 24.10 9.35 -12.49
N THR A 215 22.96 9.69 -13.07
CA THR A 215 22.37 8.93 -14.20
C THR A 215 22.99 9.33 -15.56
N LYS A 216 23.32 10.61 -15.70
CA LYS A 216 24.04 11.09 -16.87
C LYS A 216 25.33 10.26 -17.01
N GLY A 217 25.92 9.90 -15.87
CA GLY A 217 27.16 9.13 -15.83
C GLY A 217 27.10 7.80 -16.55
N LEU A 218 26.00 7.08 -16.41
CA LEU A 218 25.91 5.71 -16.94
C LEU A 218 25.97 5.60 -18.48
N PRO A 219 26.40 4.44 -19.01
CA PRO A 219 26.37 4.19 -20.45
C PRO A 219 24.94 3.95 -20.96
N GLN A 220 24.61 4.44 -22.17
CA GLN A 220 23.25 4.35 -22.73
C GLN A 220 22.52 3.04 -22.44
N GLU A 221 23.23 1.92 -22.52
CA GLU A 221 22.64 0.61 -22.24
C GLU A 221 22.12 0.56 -20.80
N GLN A 222 22.88 1.11 -19.87
CA GLN A 222 22.44 1.19 -18.47
C GLN A 222 21.18 2.07 -18.32
N GLN A 223 21.18 3.23 -18.99
CA GLN A 223 20.09 4.19 -18.88
C GLN A 223 18.83 3.68 -19.56
N THR A 224 18.98 3.02 -20.70
CA THR A 224 17.84 2.40 -21.38
C THR A 224 17.20 1.32 -20.50
N ALA A 225 18.03 0.60 -19.74
CA ALA A 225 17.55 -0.41 -18.78
C ALA A 225 16.74 0.21 -17.62
N LEU A 226 17.07 1.45 -17.25
CA LEU A 226 16.22 2.21 -16.33
C LEU A 226 14.87 2.48 -17.01
N LYS A 227 14.91 3.12 -18.18
CA LYS A 227 13.68 3.56 -18.86
C LYS A 227 12.63 2.49 -19.09
N THR A 228 13.08 1.24 -19.25
CA THR A 228 12.18 0.13 -19.53
C THR A 228 11.28 -0.22 -18.36
N GLN A 229 11.68 0.18 -17.15
CA GLN A 229 10.86 -0.04 -15.97
C GLN A 229 9.89 1.14 -15.78
N ILE A 230 9.81 2.06 -16.75
CA ILE A 230 9.06 3.29 -16.58
C ILE A 230 8.04 3.44 -17.67
N PRO A 231 6.75 3.27 -17.32
CA PRO A 231 5.71 3.41 -18.34
C PRO A 231 5.74 4.71 -19.15
N LEU A 232 6.13 5.84 -18.57
CA LEU A 232 6.20 7.07 -19.37
C LEU A 232 7.43 7.02 -20.33
N GLY A 233 8.34 6.07 -20.12
CA GLY A 233 9.45 5.80 -21.05
C GLY A 233 10.52 6.89 -21.06
N ARG A 234 10.65 7.59 -19.95
CA ARG A 234 11.66 8.64 -19.82
C ARG A 234 12.07 8.76 -18.35
N LEU A 235 13.26 9.29 -18.10
CA LEU A 235 13.69 9.64 -16.78
C LEU A 235 13.02 10.97 -16.45
N GLY A 236 12.70 11.18 -15.18
CA GLY A 236 12.11 12.44 -14.74
C GLY A 236 13.16 13.50 -14.55
N SER A 237 12.71 14.72 -14.26
CA SER A 237 13.62 15.81 -14.04
C SER A 237 13.60 16.26 -12.58
N PRO A 238 14.67 16.96 -12.18
CA PRO A 238 14.65 17.71 -10.90
C PRO A 238 13.40 18.60 -10.78
N GLU A 239 12.97 19.17 -11.90
CA GLU A 239 11.82 20.02 -11.87
C GLU A 239 10.54 19.23 -11.54
N ASP A 240 10.41 17.95 -11.93
CA ASP A 240 9.21 17.16 -11.58
C ASP A 240 9.01 17.06 -10.05
N ILE A 241 10.11 16.78 -9.37
CA ILE A 241 10.16 16.72 -7.92
C ILE A 241 9.88 18.09 -7.33
N ALA A 242 10.64 19.09 -7.78
CA ALA A 242 10.45 20.47 -7.38
C ALA A 242 8.96 20.92 -7.37
N HIS A 243 8.20 20.57 -8.41
CA HIS A 243 6.81 21.02 -8.50
C HIS A 243 5.90 20.28 -7.53
N ALA A 244 6.26 19.00 -7.33
CA ALA A 244 5.60 18.11 -6.39
C ALA A 244 5.71 18.67 -5.00
N VAL A 245 6.95 19.02 -4.63
CA VAL A 245 7.24 19.60 -3.33
C VAL A 245 6.62 20.99 -3.11
N ALA A 246 6.70 21.83 -4.15
CA ALA A 246 6.14 23.17 -4.10
C ALA A 246 4.64 23.10 -3.87
N PHE A 247 4.01 22.13 -4.52
CA PHE A 247 2.60 21.91 -4.27
C PHE A 247 2.29 21.49 -2.82
N LEU A 248 3.02 20.53 -2.26
CA LEU A 248 2.71 20.11 -0.90
C LEU A 248 3.06 21.19 0.10
N ALA A 249 4.07 22.00 -0.22
CA ALA A 249 4.42 23.08 0.66
C ALA A 249 3.39 24.21 0.69
N SER A 250 2.54 24.30 -0.32
CA SER A 250 1.69 25.47 -0.48
C SER A 250 0.52 25.43 0.54
N PRO A 251 -0.04 26.60 0.91
CA PRO A 251 -1.26 26.60 1.77
C PRO A 251 -2.37 25.76 1.20
N GLN A 252 -2.38 25.63 -0.13
CA GLN A 252 -3.46 24.94 -0.85
C GLN A 252 -3.45 23.40 -0.68
N ALA A 253 -2.38 22.88 -0.06
CA ALA A 253 -2.23 21.43 0.22
C ALA A 253 -2.34 21.16 1.69
N GLY A 254 -3.03 22.02 2.43
CA GLY A 254 -3.08 21.90 3.90
C GLY A 254 -3.91 20.76 4.49
N TYR A 255 -4.74 20.12 3.66
CA TYR A 255 -5.42 18.90 4.07
C TYR A 255 -4.68 17.64 3.65
N ILE A 256 -3.47 17.75 3.12
CA ILE A 256 -2.73 16.55 2.75
C ILE A 256 -1.69 16.27 3.83
N THR A 257 -1.82 15.15 4.53
CA THR A 257 -0.83 14.76 5.53
C THR A 257 -0.59 13.25 5.68
N GLY A 258 0.67 12.92 5.96
CA GLY A 258 1.10 11.55 6.23
C GLY A 258 1.13 10.66 5.01
N THR A 259 1.22 11.27 3.81
CA THR A 259 1.22 10.50 2.58
C THR A 259 2.56 10.57 1.83
N THR A 260 2.67 9.73 0.80
CA THR A 260 3.77 9.76 -0.15
C THR A 260 3.21 10.09 -1.51
N LEU A 261 3.74 11.16 -2.09
CA LEU A 261 3.40 11.59 -3.42
C LEU A 261 4.49 10.97 -4.29
N HIS A 262 4.14 9.93 -5.01
CA HIS A 262 5.06 9.28 -5.94
C HIS A 262 5.24 10.04 -7.22
N VAL A 263 6.50 10.26 -7.57
CA VAL A 263 6.83 10.97 -8.80
C VAL A 263 7.85 10.08 -9.56
N ASN A 264 7.36 9.05 -10.23
CA ASN A 264 8.24 8.00 -10.76
C ASN A 264 7.87 7.48 -12.17
N GLY A 265 6.98 8.18 -12.85
CA GLY A 265 6.59 7.83 -14.19
C GLY A 265 5.83 6.55 -14.36
N GLY A 266 5.23 6.04 -13.27
CA GLY A 266 4.45 4.82 -13.31
C GLY A 266 5.27 3.58 -12.96
N MET A 267 6.52 3.78 -12.55
CA MET A 267 7.43 2.69 -12.25
C MET A 267 6.99 1.94 -11.02
N PHE A 268 6.41 2.66 -10.08
CA PHE A 268 5.78 2.06 -8.93
C PHE A 268 4.43 2.76 -8.67
N MET A 269 3.37 1.97 -8.51
CA MET A 269 2.02 2.51 -8.35
C MET A 269 1.33 1.95 -7.09
N SER A 270 0.55 2.78 -6.43
CA SER A 270 -0.06 2.37 -5.17
C SER A 270 -1.32 3.18 -4.88
N ASP B 23 1.43 -32.30 10.24
CA ASP B 23 1.92 -31.39 11.33
C ASP B 23 3.37 -30.96 11.06
N LYS B 24 4.24 -31.97 10.88
CA LYS B 24 5.72 -31.80 10.88
C LYS B 24 6.33 -31.23 9.59
N THR B 25 5.70 -30.18 9.06
CA THR B 25 6.25 -29.45 7.92
C THR B 25 7.65 -28.84 8.11
N LEU B 26 8.14 -28.72 9.35
CA LEU B 26 9.49 -28.15 9.58
C LEU B 26 10.47 -29.20 10.06
N ASP B 27 10.10 -30.46 9.89
CA ASP B 27 10.88 -31.57 10.38
C ASP B 27 12.38 -31.44 10.03
N LYS B 28 13.22 -31.72 11.01
CA LYS B 28 14.68 -31.63 10.87
C LYS B 28 15.24 -30.25 10.49
N GLN B 29 14.41 -29.20 10.60
CA GLN B 29 14.87 -27.84 10.34
C GLN B 29 15.39 -27.20 11.64
N VAL B 30 16.31 -26.25 11.52
CA VAL B 30 16.87 -25.57 12.67
C VAL B 30 16.51 -24.07 12.57
N ALA B 31 15.97 -23.52 13.65
CA ALA B 31 15.33 -22.21 13.68
C ALA B 31 15.95 -21.45 14.80
N ILE B 32 16.24 -20.18 14.58
CA ILE B 32 16.50 -19.26 15.69
C ILE B 32 15.33 -18.27 15.84
N VAL B 33 14.78 -18.17 17.03
CA VAL B 33 13.80 -17.13 17.35
C VAL B 33 14.39 -16.11 18.35
N THR B 34 14.65 -14.88 17.95
CA THR B 34 15.12 -13.88 18.92
C THR B 34 13.92 -13.30 19.69
N GLY B 35 14.07 -13.08 20.99
CA GLY B 35 13.04 -12.47 21.83
C GLY B 35 11.92 -13.44 22.08
N ALA B 36 12.29 -14.65 22.52
CA ALA B 36 11.37 -15.76 22.59
C ALA B 36 10.90 -16.03 24.02
N SER B 37 11.22 -15.13 24.94
CA SER B 37 10.95 -15.41 26.33
C SER B 37 9.50 -15.32 26.72
N ARG B 38 8.77 -14.37 26.15
CA ARG B 38 7.39 -14.16 26.55
C ARG B 38 6.48 -14.00 25.36
N GLY B 39 5.19 -14.05 25.64
CA GLY B 39 4.19 -13.61 24.71
C GLY B 39 4.33 -14.16 23.29
N ILE B 40 4.47 -13.25 22.34
CA ILE B 40 4.55 -13.58 20.92
C ILE B 40 5.75 -14.47 20.58
N GLY B 41 6.92 -14.10 21.05
CA GLY B 41 8.12 -14.86 20.75
C GLY B 41 8.08 -16.23 21.33
N ARG B 42 7.54 -16.36 22.53
CA ARG B 42 7.38 -17.69 23.11
C ARG B 42 6.42 -18.58 22.27
N ALA B 43 5.27 -18.05 21.91
CA ALA B 43 4.28 -18.81 21.13
C ALA B 43 4.87 -19.15 19.75
N ILE B 44 5.64 -18.26 19.14
CA ILE B 44 6.33 -18.61 17.88
C ILE B 44 7.32 -19.80 18.10
N ALA B 45 8.21 -19.67 19.10
CA ALA B 45 9.17 -20.74 19.42
C ALA B 45 8.46 -22.10 19.56
N LEU B 46 7.46 -22.15 20.43
CA LEU B 46 6.75 -23.39 20.69
C LEU B 46 6.11 -23.93 19.41
N GLU B 47 5.49 -23.07 18.62
CA GLU B 47 4.84 -23.52 17.43
C GLU B 47 5.81 -24.05 16.41
N LEU B 48 6.96 -23.39 16.23
CA LEU B 48 7.95 -23.97 15.32
C LEU B 48 8.46 -25.34 15.82
N ALA B 49 8.63 -25.49 17.13
CA ALA B 49 9.07 -26.81 17.66
C ALA B 49 8.00 -27.90 17.42
N ARG B 50 6.76 -27.49 17.60
CA ARG B 50 5.58 -28.33 17.36
C ARG B 50 5.56 -28.85 15.91
N ARG B 51 6.04 -28.06 14.97
CA ARG B 51 6.10 -28.52 13.57
C ARG B 51 7.38 -29.30 13.26
N GLY B 52 8.12 -29.72 14.26
CA GLY B 52 9.28 -30.59 14.05
C GLY B 52 10.62 -29.86 14.04
N ALA B 53 10.61 -28.52 14.06
CA ALA B 53 11.87 -27.75 14.08
C ALA B 53 12.63 -27.89 15.41
N MET B 54 13.96 -27.90 15.32
CA MET B 54 14.82 -27.69 16.50
C MET B 54 14.95 -26.17 16.67
N VAL B 55 14.61 -25.64 17.84
CA VAL B 55 14.48 -24.20 17.99
C VAL B 55 15.37 -23.67 19.12
N ILE B 56 16.21 -22.68 18.78
CA ILE B 56 16.90 -21.86 19.77
C ILE B 56 16.16 -20.55 19.91
N GLY B 57 15.54 -20.34 21.07
CA GLY B 57 14.90 -19.06 21.40
C GLY B 57 15.87 -18.27 22.25
N THR B 58 15.94 -16.96 22.02
CA THR B 58 16.88 -16.10 22.78
C THR B 58 16.14 -15.19 23.73
N ALA B 59 16.81 -14.85 24.84
CA ALA B 59 16.32 -13.82 25.76
C ALA B 59 17.49 -12.91 26.15
N THR B 60 17.20 -11.77 26.75
CA THR B 60 18.26 -10.82 27.11
C THR B 60 18.97 -11.21 28.43
N THR B 61 18.37 -12.09 29.24
CA THR B 61 18.90 -12.50 30.54
C THR B 61 18.90 -14.01 30.69
N GLU B 62 19.63 -14.51 31.68
CA GLU B 62 19.62 -15.93 31.95
C GLU B 62 18.25 -16.45 32.46
N ALA B 63 17.54 -15.70 33.29
CA ALA B 63 16.20 -16.13 33.68
C ALA B 63 15.32 -16.32 32.45
N GLY B 64 15.44 -15.43 31.47
CA GLY B 64 14.73 -15.62 30.20
C GLY B 64 15.11 -16.85 29.37
N ALA B 65 16.41 -17.06 29.17
CA ALA B 65 16.88 -18.28 28.48
C ALA B 65 16.40 -19.53 29.22
N GLU B 66 16.43 -19.50 30.55
CA GLU B 66 16.01 -20.68 31.29
C GLU B 66 14.49 -20.88 31.14
N GLY B 67 13.71 -19.81 31.27
CA GLY B 67 12.28 -19.85 30.99
C GLY B 67 11.91 -20.39 29.61
N ILE B 68 12.66 -20.03 28.58
CA ILE B 68 12.49 -20.58 27.22
C ILE B 68 12.67 -22.12 27.22
N GLY B 69 13.71 -22.61 27.88
CA GLY B 69 13.96 -24.06 27.95
C GLY B 69 12.83 -24.77 28.68
N ALA B 70 12.48 -24.20 29.81
CA ALA B 70 11.44 -24.74 30.66
C ALA B 70 10.08 -24.79 29.94
N ALA B 71 9.82 -23.85 29.04
CA ALA B 71 8.56 -23.82 28.30
C ALA B 71 8.53 -24.89 27.26
N PHE B 72 9.63 -25.11 26.52
CA PHE B 72 9.74 -26.24 25.63
C PHE B 72 9.43 -27.56 26.38
N LYS B 73 10.15 -27.82 27.46
CA LYS B 73 10.00 -29.02 28.29
C LYS B 73 8.59 -29.14 28.86
N GLN B 74 8.02 -28.06 29.37
CA GLN B 74 6.62 -28.14 29.78
C GLN B 74 5.69 -28.58 28.62
N ALA B 75 6.00 -28.14 27.41
CA ALA B 75 5.17 -28.45 26.25
C ALA B 75 5.51 -29.85 25.69
N GLY B 76 6.54 -30.47 26.25
CA GLY B 76 6.93 -31.80 25.84
C GLY B 76 7.60 -31.71 24.49
N LEU B 77 8.35 -30.63 24.26
CA LEU B 77 9.05 -30.44 23.00
C LEU B 77 10.55 -30.31 23.22
N GLU B 78 11.31 -30.65 22.21
CA GLU B 78 12.70 -30.28 22.07
C GLU B 78 12.86 -28.77 21.85
N GLY B 79 14.00 -28.23 22.25
CA GLY B 79 14.33 -26.81 22.07
C GLY B 79 15.17 -26.23 23.19
N ARG B 80 15.90 -25.16 22.89
CA ARG B 80 16.79 -24.48 23.87
C ARG B 80 16.47 -23.03 23.99
N GLY B 81 16.78 -22.49 25.17
CA GLY B 81 16.93 -21.05 25.35
C GLY B 81 18.38 -20.63 25.42
N ALA B 82 18.66 -19.45 24.91
CA ALA B 82 20.01 -18.88 24.97
C ALA B 82 19.93 -17.39 25.22
N VAL B 83 20.99 -16.84 25.86
CA VAL B 83 21.08 -15.43 26.11
C VAL B 83 21.68 -14.71 24.92
N LEU B 84 21.04 -13.65 24.46
CA LEU B 84 21.53 -12.88 23.33
C LEU B 84 21.12 -11.42 23.47
N ASN B 85 22.12 -10.57 23.28
CA ASN B 85 21.95 -9.16 23.12
C ASN B 85 22.06 -8.95 21.64
N VAL B 86 20.94 -8.70 20.98
CA VAL B 86 20.94 -8.59 19.52
C VAL B 86 21.76 -7.41 18.99
N ASN B 87 22.10 -6.48 19.87
CA ASN B 87 22.99 -5.39 19.50
C ASN B 87 24.47 -5.75 19.59
N ASP B 88 24.80 -6.95 20.05
CA ASP B 88 26.22 -7.32 20.18
C ASP B 88 26.61 -8.23 19.00
N ALA B 89 27.37 -7.65 18.06
CA ALA B 89 27.69 -8.34 16.81
C ALA B 89 28.48 -9.58 17.12
N THR B 90 29.36 -9.52 18.11
CA THR B 90 30.17 -10.65 18.46
C THR B 90 29.30 -11.85 18.92
N ALA B 91 28.33 -11.57 19.79
CA ALA B 91 27.42 -12.62 20.32
C ALA B 91 26.46 -13.19 19.22
N VAL B 92 25.97 -12.32 18.34
CA VAL B 92 25.15 -12.71 17.21
C VAL B 92 25.95 -13.63 16.31
N ASP B 93 27.20 -13.26 16.00
CA ASP B 93 27.98 -14.07 15.13
C ASP B 93 28.31 -15.37 15.84
N ALA B 94 28.56 -15.30 17.16
CA ALA B 94 28.85 -16.50 17.92
C ALA B 94 27.67 -17.49 17.85
N LEU B 95 26.46 -16.98 17.98
CA LEU B 95 25.28 -17.85 17.96
C LEU B 95 25.13 -18.50 16.60
N VAL B 96 25.43 -17.76 15.55
CA VAL B 96 25.36 -18.36 14.24
C VAL B 96 26.41 -19.47 14.16
N GLU B 97 27.65 -19.19 14.59
CA GLU B 97 28.66 -20.23 14.57
C GLU B 97 28.29 -21.48 15.40
N SER B 98 27.91 -21.30 16.66
CA SER B 98 27.60 -22.45 17.53
C SER B 98 26.42 -23.31 17.04
N THR B 99 25.40 -22.66 16.47
CA THR B 99 24.23 -23.34 15.92
C THR B 99 24.65 -24.19 14.72
N LEU B 100 25.48 -23.61 13.86
CA LEU B 100 25.99 -24.35 12.70
C LEU B 100 26.89 -25.50 13.15
N LYS B 101 27.69 -25.27 14.16
CA LYS B 101 28.56 -26.28 14.70
C LYS B 101 27.74 -27.41 15.35
N GLU B 102 26.74 -27.10 16.16
CA GLU B 102 26.06 -28.15 16.89
C GLU B 102 25.09 -28.86 16.00
N PHE B 103 24.43 -28.12 15.13
CA PHE B 103 23.31 -28.65 14.39
C PHE B 103 23.58 -28.82 12.91
N GLY B 104 24.70 -28.33 12.42
CA GLY B 104 25.02 -28.42 10.99
C GLY B 104 24.23 -27.56 10.02
N ALA B 105 23.30 -26.72 10.49
CA ALA B 105 22.37 -26.05 9.55
C ALA B 105 21.73 -24.89 10.24
N LEU B 106 21.27 -23.90 9.47
CA LEU B 106 20.47 -22.79 10.02
C LEU B 106 19.42 -22.44 9.01
N ASN B 107 18.19 -22.89 9.27
CA ASN B 107 17.15 -22.91 8.24
C ASN B 107 16.16 -21.78 8.37
N VAL B 108 15.91 -21.35 9.61
CA VAL B 108 14.88 -20.35 9.87
C VAL B 108 15.37 -19.32 10.87
N LEU B 109 15.19 -18.05 10.53
CA LEU B 109 15.40 -16.96 11.47
C LEU B 109 14.11 -16.23 11.65
N VAL B 110 13.65 -16.10 12.90
CA VAL B 110 12.52 -15.24 13.23
C VAL B 110 12.98 -14.05 14.12
N ASN B 111 12.93 -12.83 13.59
CA ASN B 111 13.41 -11.66 14.32
C ASN B 111 12.27 -11.06 15.10
N ASN B 112 12.17 -11.44 16.37
CA ASN B 112 11.16 -10.91 17.28
C ASN B 112 11.73 -10.14 18.49
N ALA B 113 13.03 -9.90 18.53
CA ALA B 113 13.60 -9.03 19.56
C ALA B 113 13.20 -7.64 19.16
N GLY B 114 12.93 -6.80 20.12
CA GLY B 114 12.42 -5.50 19.73
C GLY B 114 11.94 -4.84 20.98
N ILE B 115 12.38 -3.60 21.21
CA ILE B 115 11.90 -2.79 22.30
C ILE B 115 11.15 -1.58 21.76
N THR B 116 10.31 -1.02 22.62
CA THR B 116 9.72 0.32 22.47
C THR B 116 10.43 1.29 23.45
N GLN B 117 10.59 2.55 23.05
CA GLN B 117 10.94 3.67 23.97
C GLN B 117 10.13 4.86 23.47
N ASP B 118 8.84 4.78 23.76
CA ASP B 118 7.83 5.70 23.28
C ASP B 118 8.04 7.09 23.85
N GLN B 119 7.80 8.10 23.04
CA GLN B 119 7.87 9.46 23.51
C GLN B 119 7.40 10.33 22.36
N LEU B 120 6.78 11.46 22.68
CA LEU B 120 6.42 12.45 21.67
C LEU B 120 7.70 12.88 21.00
N ALA B 121 7.67 13.00 19.67
CA ALA B 121 8.86 13.36 18.85
C ALA B 121 9.51 14.64 19.34
N MET B 122 8.66 15.59 19.74
CA MET B 122 9.07 16.89 20.27
C MET B 122 10.04 16.71 21.43
N ARG B 123 9.70 15.82 22.38
CA ARG B 123 10.52 15.56 23.58
C ARG B 123 11.51 14.37 23.43
N MET B 124 11.54 13.74 22.27
CA MET B 124 12.26 12.46 22.16
C MET B 124 13.77 12.66 22.15
N LYS B 125 14.47 11.95 23.03
CA LYS B 125 15.92 12.07 23.10
C LYS B 125 16.64 11.19 22.08
N ASP B 126 17.86 11.57 21.72
CA ASP B 126 18.66 10.84 20.72
C ASP B 126 18.85 9.38 21.10
N ASP B 127 19.00 9.09 22.38
CA ASP B 127 19.19 7.71 22.81
C ASP B 127 17.88 6.93 22.79
N GLU B 128 16.75 7.62 22.93
CA GLU B 128 15.44 6.96 22.86
C GLU B 128 15.16 6.56 21.41
N TRP B 129 15.58 7.43 20.49
CA TRP B 129 15.54 7.11 19.09
C TRP B 129 16.46 5.93 18.82
N ASP B 130 17.76 6.14 19.07
CA ASP B 130 18.80 5.13 18.80
C ASP B 130 18.47 3.75 19.31
N ALA B 131 17.95 3.64 20.53
CA ALA B 131 17.78 2.32 21.13
C ALA B 131 16.70 1.53 20.38
N VAL B 132 15.69 2.26 19.89
CA VAL B 132 14.61 1.65 19.13
C VAL B 132 15.10 1.30 17.73
N ILE B 133 15.78 2.23 17.06
CA ILE B 133 16.36 1.94 15.74
C ILE B 133 17.38 0.79 15.78
N ASP B 134 18.20 0.75 16.83
CA ASP B 134 19.24 -0.27 16.96
C ASP B 134 18.67 -1.62 17.09
N THR B 135 17.75 -1.79 18.04
CA THR B 135 17.24 -3.09 18.38
C THR B 135 16.26 -3.60 17.34
N ASN B 136 15.48 -2.68 16.77
CA ASN B 136 14.38 -3.05 15.94
C ASN B 136 14.73 -3.01 14.47
N LEU B 137 15.79 -2.34 14.06
CA LEU B 137 16.08 -2.24 12.64
C LEU B 137 17.51 -2.70 12.35
N LYS B 138 18.49 -2.02 12.95
CA LYS B 138 19.87 -2.42 12.80
C LYS B 138 20.13 -3.89 13.21
N ALA B 139 19.61 -4.28 14.36
CA ALA B 139 19.83 -5.64 14.83
C ALA B 139 19.20 -6.63 13.84
N VAL B 140 18.02 -6.33 13.32
CA VAL B 140 17.38 -7.17 12.30
C VAL B 140 18.25 -7.30 11.04
N PHE B 141 18.83 -6.19 10.59
CA PHE B 141 19.74 -6.26 9.47
C PHE B 141 20.95 -7.16 9.79
N ARG B 142 21.57 -6.94 10.93
CA ARG B 142 22.79 -7.66 11.25
C ARG B 142 22.55 -9.17 11.35
N LEU B 143 21.51 -9.57 12.05
CA LEU B 143 21.14 -10.98 12.15
C LEU B 143 20.80 -11.58 10.79
N SER B 144 20.07 -10.85 9.98
CA SER B 144 19.66 -11.32 8.68
C SER B 144 20.87 -11.53 7.82
N ARG B 145 21.77 -10.53 7.77
CA ARG B 145 23.03 -10.65 7.05
C ARG B 145 23.85 -11.84 7.58
N ALA B 146 23.95 -12.03 8.89
CA ALA B 146 24.70 -13.16 9.44
C ALA B 146 24.11 -14.52 9.00
N VAL B 147 22.78 -14.67 9.11
CA VAL B 147 22.19 -15.96 8.70
C VAL B 147 22.18 -16.15 7.22
N LEU B 148 22.20 -15.08 6.45
CA LEU B 148 22.08 -15.23 5.01
C LEU B 148 23.32 -15.92 4.41
N ARG B 149 24.49 -15.80 5.06
CA ARG B 149 25.70 -16.38 4.46
C ARG B 149 25.53 -17.89 4.31
N PRO B 150 25.24 -18.59 5.40
CA PRO B 150 24.95 -20.04 5.25
C PRO B 150 23.69 -20.39 4.43
N MET B 151 22.62 -19.62 4.59
CA MET B 151 21.40 -19.90 3.82
C MET B 151 21.62 -19.73 2.32
N MET B 152 22.30 -18.65 1.94
CA MET B 152 22.56 -18.40 0.51
C MET B 152 23.41 -19.55 -0.07
N LYS B 153 24.41 -19.97 0.69
CA LYS B 153 25.24 -21.10 0.31
C LYS B 153 24.37 -22.38 0.22
N ALA B 154 23.51 -22.63 1.22
CA ALA B 154 22.61 -23.80 1.16
C ALA B 154 21.52 -23.66 0.08
N ARG B 155 21.32 -22.45 -0.42
CA ARG B 155 20.21 -22.19 -1.36
C ARG B 155 18.86 -22.60 -0.73
N GLY B 156 18.74 -22.34 0.56
CA GLY B 156 17.47 -22.51 1.26
C GLY B 156 17.40 -21.62 2.47
N GLY B 157 16.20 -21.17 2.80
CA GLY B 157 15.99 -20.62 4.13
C GLY B 157 14.76 -19.74 4.28
N ARG B 158 14.49 -19.38 5.54
CA ARG B 158 13.43 -18.47 5.87
C ARG B 158 13.91 -17.42 6.89
N ILE B 159 13.64 -16.16 6.54
CA ILE B 159 13.70 -15.08 7.50
C ILE B 159 12.26 -14.53 7.64
N VAL B 160 11.76 -14.53 8.88
CA VAL B 160 10.47 -13.91 9.19
C VAL B 160 10.69 -12.78 10.19
N ASN B 161 10.35 -11.55 9.81
CA ASN B 161 10.51 -10.43 10.73
C ASN B 161 9.18 -10.02 11.35
N ILE B 162 9.13 -9.99 12.68
CA ILE B 162 7.95 -9.62 13.39
C ILE B 162 7.98 -8.12 13.49
N THR B 163 7.07 -7.45 12.82
CA THR B 163 7.11 -5.99 12.82
C THR B 163 5.95 -5.59 13.64
N SER B 164 4.99 -4.93 13.02
CA SER B 164 3.96 -4.22 13.76
C SER B 164 3.18 -3.33 12.81
N VAL B 165 1.87 -3.35 13.05
CA VAL B 165 0.94 -2.48 12.37
C VAL B 165 1.37 -1.03 12.42
N VAL B 166 2.07 -0.63 13.49
CA VAL B 166 2.59 0.75 13.66
C VAL B 166 3.55 1.13 12.52
N GLY B 167 4.29 0.14 11.98
CA GLY B 167 5.12 0.34 10.79
C GLY B 167 4.34 0.73 9.52
N SER B 168 3.12 0.27 9.40
CA SER B 168 2.26 0.66 8.28
C SER B 168 1.33 1.85 8.53
N ALA B 169 0.83 2.00 9.76
CA ALA B 169 -0.22 3.00 10.06
C ALA B 169 0.27 4.19 10.92
N GLY B 170 1.43 4.04 11.55
CA GLY B 170 1.90 5.07 12.49
C GLY B 170 1.08 5.13 13.78
N ASN B 171 1.60 5.87 14.76
CA ASN B 171 0.96 5.96 16.08
C ASN B 171 1.63 7.08 16.85
N PRO B 172 0.85 8.04 17.39
CA PRO B 172 1.49 9.09 18.20
C PRO B 172 2.32 8.50 19.35
N GLY B 173 3.49 9.09 19.59
CA GLY B 173 4.36 8.62 20.67
C GLY B 173 5.34 7.54 20.22
N GLN B 174 5.22 7.09 18.98
CA GLN B 174 6.01 5.98 18.50
C GLN B 174 6.63 6.26 17.13
N VAL B 175 7.19 7.45 16.99
CA VAL B 175 7.79 7.84 15.74
C VAL B 175 9.05 6.97 15.54
N ASN B 176 9.76 6.71 16.64
CA ASN B 176 10.94 5.87 16.57
C ASN B 176 10.55 4.42 16.16
N TYR B 177 9.52 3.90 16.81
CA TYR B 177 9.04 2.53 16.55
C TYR B 177 8.43 2.41 15.11
N ALA B 178 7.64 3.39 14.71
CA ALA B 178 7.12 3.48 13.31
C ALA B 178 8.24 3.48 12.30
N ALA B 179 9.21 4.37 12.47
CA ALA B 179 10.34 4.38 11.58
C ALA B 179 11.02 3.02 11.49
N ALA B 180 11.32 2.41 12.63
CA ALA B 180 12.15 1.19 12.68
C ALA B 180 11.45 0.03 11.99
N LYS B 181 10.17 -0.16 12.31
CA LYS B 181 9.37 -1.25 11.75
C LYS B 181 9.02 -1.06 10.26
N ALA B 182 8.73 0.17 9.83
CA ALA B 182 8.56 0.43 8.37
C ALA B 182 9.88 0.15 7.63
N GLY B 183 10.97 0.55 8.27
CA GLY B 183 12.31 0.26 7.78
C GLY B 183 12.62 -1.23 7.64
N VAL B 184 12.20 -2.06 8.59
CA VAL B 184 12.31 -3.52 8.46
C VAL B 184 11.54 -4.02 7.24
N ALA B 185 10.35 -3.48 6.98
CA ALA B 185 9.58 -3.85 5.77
C ALA B 185 10.34 -3.45 4.52
N GLY B 186 10.83 -2.23 4.52
CA GLY B 186 11.67 -1.74 3.44
C GLY B 186 12.87 -2.63 3.19
N MET B 187 13.56 -2.97 4.28
CA MET B 187 14.72 -3.83 4.18
C MET B 187 14.33 -5.19 3.58
N THR B 188 13.16 -5.68 3.96
CA THR B 188 12.70 -7.01 3.61
C THR B 188 12.52 -7.19 2.11
N ARG B 189 11.95 -6.15 1.51
CA ARG B 189 11.67 -6.10 0.09
C ARG B 189 12.97 -6.08 -0.70
N ALA B 190 13.87 -5.21 -0.29
CA ALA B 190 15.17 -5.12 -0.92
C ALA B 190 15.92 -6.44 -0.76
N LEU B 191 15.83 -7.08 0.42
CA LEU B 191 16.53 -8.37 0.63
C LEU B 191 16.01 -9.45 -0.34
N ALA B 192 14.70 -9.60 -0.35
CA ALA B 192 14.03 -10.49 -1.29
C ALA B 192 14.53 -10.21 -2.70
N ARG B 193 14.62 -8.96 -3.14
CA ARG B 193 15.08 -8.73 -4.51
C ARG B 193 16.56 -9.09 -4.64
N GLU B 194 17.33 -8.88 -3.58
CA GLU B 194 18.72 -9.24 -3.63
C GLU B 194 18.91 -10.75 -3.66
N ILE B 195 18.19 -11.49 -2.82
CA ILE B 195 18.51 -12.88 -2.74
C ILE B 195 18.04 -13.65 -4.02
N GLY B 196 17.12 -13.08 -4.78
CA GLY B 196 16.75 -13.66 -6.06
C GLY B 196 16.36 -15.14 -6.02
N SER B 197 16.99 -15.92 -6.88
CA SER B 197 16.58 -17.28 -7.14
C SER B 197 17.26 -18.21 -6.18
N ARG B 198 17.64 -17.69 -5.04
CA ARG B 198 18.47 -18.47 -4.17
C ARG B 198 17.62 -19.32 -3.27
N GLY B 199 16.31 -19.26 -3.42
CA GLY B 199 15.41 -20.14 -2.66
C GLY B 199 15.15 -19.76 -1.22
N ILE B 200 15.57 -18.56 -0.82
CA ILE B 200 15.27 -18.05 0.53
C ILE B 200 14.11 -17.06 0.39
N THR B 201 13.13 -17.17 1.27
CA THR B 201 12.11 -16.14 1.34
C THR B 201 12.33 -15.27 2.60
N VAL B 202 12.04 -13.99 2.46
CA VAL B 202 12.09 -13.03 3.55
C VAL B 202 10.76 -12.29 3.59
N ASN B 203 10.10 -12.32 4.74
CA ASN B 203 8.78 -11.71 4.89
C ASN B 203 8.65 -11.12 6.25
N CYS B 204 7.64 -10.27 6.44
CA CYS B 204 7.27 -9.76 7.73
C CYS B 204 5.91 -10.24 8.11
N VAL B 205 5.71 -10.44 9.41
CA VAL B 205 4.41 -10.62 10.02
C VAL B 205 4.20 -9.39 10.92
N ALA B 206 3.09 -8.70 10.75
CA ALA B 206 2.85 -7.43 11.41
C ALA B 206 1.69 -7.58 12.39
N PRO B 207 1.98 -7.81 13.66
CA PRO B 207 0.88 -7.85 14.59
C PRO B 207 0.20 -6.52 14.79
N GLY B 208 -1.09 -6.58 15.02
CA GLY B 208 -1.82 -5.45 15.58
C GLY B 208 -1.69 -5.47 17.09
N PHE B 209 -2.81 -5.38 17.78
CA PHE B 209 -2.84 -5.37 19.25
C PHE B 209 -3.08 -6.78 19.74
N ILE B 210 -2.08 -7.33 20.42
CA ILE B 210 -2.09 -8.71 20.82
C ILE B 210 -2.16 -8.73 22.34
N ASP B 211 -2.95 -9.64 22.87
CA ASP B 211 -3.04 -9.84 24.30
C ASP B 211 -1.74 -10.42 24.81
N THR B 212 -1.02 -9.65 25.62
CA THR B 212 0.24 -10.06 26.29
C THR B 212 0.25 -9.56 27.74
N ASP B 213 1.42 -9.59 28.39
CA ASP B 213 1.63 -8.90 29.68
C ASP B 213 1.61 -7.36 29.51
N MET B 214 2.25 -6.88 28.43
CA MET B 214 2.29 -5.44 28.09
C MET B 214 0.90 -4.80 27.95
N THR B 215 -0.07 -5.58 27.47
CA THR B 215 -1.43 -5.10 27.26
C THR B 215 -2.35 -5.54 28.41
N LYS B 216 -2.10 -6.71 28.99
CA LYS B 216 -2.89 -7.20 30.11
C LYS B 216 -2.74 -6.27 31.35
N GLY B 217 -1.58 -5.62 31.48
CA GLY B 217 -1.31 -4.69 32.60
C GLY B 217 -1.96 -3.32 32.49
N LEU B 218 -2.11 -2.80 31.27
CA LEU B 218 -2.80 -1.52 31.03
C LEU B 218 -4.25 -1.59 31.56
N PRO B 219 -4.80 -0.45 32.04
CA PRO B 219 -6.17 -0.40 32.60
C PRO B 219 -7.28 -0.67 31.57
N GLN B 220 -8.41 -1.20 32.06
CA GLN B 220 -9.56 -1.61 31.23
C GLN B 220 -9.98 -0.56 30.19
N GLU B 221 -9.92 0.72 30.56
CA GLU B 221 -10.37 1.81 29.67
C GLU B 221 -9.51 1.93 28.40
N GLN B 222 -8.20 1.71 28.54
CA GLN B 222 -7.29 1.79 27.40
C GLN B 222 -7.40 0.54 26.54
N GLN B 223 -7.51 -0.61 27.19
CA GLN B 223 -7.79 -1.88 26.51
C GLN B 223 -9.04 -1.82 25.63
N THR B 224 -10.09 -1.15 26.11
CA THR B 224 -11.32 -1.02 25.33
C THR B 224 -11.13 -0.06 24.16
N ALA B 225 -10.31 0.98 24.40
CA ALA B 225 -9.96 1.96 23.38
C ALA B 225 -9.25 1.26 22.23
N LEU B 226 -8.40 0.28 22.57
CA LEU B 226 -7.75 -0.56 21.55
C LEU B 226 -8.80 -1.37 20.77
N LYS B 227 -9.73 -1.99 21.47
CA LYS B 227 -10.72 -2.84 20.80
C LYS B 227 -11.60 -2.09 19.80
N THR B 228 -12.01 -0.88 20.17
CA THR B 228 -12.71 0.02 19.26
C THR B 228 -12.03 0.11 17.89
N GLN B 229 -10.70 0.00 17.87
CA GLN B 229 -9.95 0.14 16.63
C GLN B 229 -10.09 -1.08 15.74
N ILE B 230 -10.57 -2.18 16.31
CA ILE B 230 -10.45 -3.51 15.72
C ILE B 230 -11.82 -4.09 15.30
N PRO B 231 -12.07 -4.20 13.98
CA PRO B 231 -13.27 -4.84 13.46
C PRO B 231 -13.66 -6.17 14.12
N LEU B 232 -12.68 -7.03 14.40
CA LEU B 232 -13.02 -8.30 15.10
C LEU B 232 -13.37 -8.11 16.58
N GLY B 233 -13.09 -6.94 17.18
CA GLY B 233 -13.58 -6.63 18.51
C GLY B 233 -12.80 -7.24 19.66
N ARG B 234 -11.67 -7.87 19.37
CA ARG B 234 -10.90 -8.50 20.42
C ARG B 234 -9.43 -8.26 20.11
N LEU B 235 -8.61 -8.47 21.12
CA LEU B 235 -7.15 -8.43 20.93
C LEU B 235 -6.79 -9.79 20.33
N GLY B 236 -5.73 -9.85 19.54
CA GLY B 236 -5.26 -11.11 19.04
C GLY B 236 -4.50 -11.83 20.12
N SER B 237 -4.09 -13.06 19.80
CA SER B 237 -3.35 -13.88 20.72
C SER B 237 -1.91 -14.09 20.19
N PRO B 238 -1.02 -14.49 21.10
CA PRO B 238 0.31 -14.74 20.62
C PRO B 238 0.29 -15.89 19.64
N GLU B 239 -0.67 -16.79 19.78
CA GLU B 239 -0.79 -17.96 18.89
C GLU B 239 -1.20 -17.53 17.46
N ASP B 240 -2.01 -16.46 17.34
CA ASP B 240 -2.34 -15.89 16.02
C ASP B 240 -1.07 -15.58 15.28
N ILE B 241 -0.11 -15.01 16.02
CA ILE B 241 1.12 -14.61 15.40
C ILE B 241 1.96 -15.87 15.09
N ALA B 242 1.97 -16.81 16.03
CA ALA B 242 2.72 -18.02 15.84
C ALA B 242 2.24 -18.80 14.65
N HIS B 243 0.94 -18.89 14.44
CA HIS B 243 0.45 -19.65 13.28
C HIS B 243 0.81 -19.00 11.95
N ALA B 244 0.83 -17.66 11.89
CA ALA B 244 1.18 -16.93 10.68
C ALA B 244 2.69 -17.13 10.36
N VAL B 245 3.54 -16.99 11.39
CA VAL B 245 4.96 -17.22 11.22
C VAL B 245 5.22 -18.67 10.77
N ALA B 246 4.61 -19.66 11.43
CA ALA B 246 4.80 -21.08 11.07
C ALA B 246 4.37 -21.40 9.64
N PHE B 247 3.32 -20.74 9.17
CA PHE B 247 2.88 -20.91 7.80
C PHE B 247 3.96 -20.35 6.89
N LEU B 248 4.42 -19.14 7.14
CA LEU B 248 5.45 -18.60 6.25
C LEU B 248 6.76 -19.41 6.28
N ALA B 249 7.07 -20.00 7.44
CA ALA B 249 8.33 -20.77 7.63
C ALA B 249 8.26 -22.11 6.87
N SER B 250 7.04 -22.57 6.59
CA SER B 250 6.84 -23.82 5.90
C SER B 250 7.35 -23.85 4.45
N PRO B 251 7.75 -25.04 4.00
CA PRO B 251 8.03 -25.23 2.57
C PRO B 251 6.84 -24.86 1.69
N GLN B 252 5.64 -25.04 2.21
CA GLN B 252 4.42 -24.75 1.46
C GLN B 252 4.15 -23.26 1.25
N ALA B 253 4.94 -22.41 1.89
CA ALA B 253 4.85 -21.00 1.63
C ALA B 253 6.07 -20.52 0.85
N GLY B 254 6.73 -21.40 0.09
CA GLY B 254 7.98 -21.04 -0.57
C GLY B 254 7.83 -20.09 -1.76
N TYR B 255 6.61 -19.80 -2.23
CA TYR B 255 6.44 -18.76 -3.28
C TYR B 255 6.10 -17.36 -2.72
N ILE B 256 6.08 -17.22 -1.40
CA ILE B 256 5.80 -15.93 -0.76
C ILE B 256 7.05 -15.23 -0.27
N THR B 257 7.37 -14.08 -0.84
CA THR B 257 8.52 -13.35 -0.37
C THR B 257 8.36 -11.86 -0.59
N GLY B 258 9.03 -11.08 0.27
CA GLY B 258 8.98 -9.62 0.21
C GLY B 258 7.68 -9.01 0.69
N THR B 259 6.87 -9.80 1.39
CA THR B 259 5.53 -9.32 1.78
C THR B 259 5.37 -9.18 3.29
N THR B 260 4.33 -8.47 3.70
CA THR B 260 3.93 -8.40 5.08
C THR B 260 2.60 -9.13 5.19
N LEU B 261 2.52 -10.04 6.13
CA LEU B 261 1.26 -10.70 6.49
C LEU B 261 0.75 -9.98 7.72
N HIS B 262 -0.32 -9.22 7.51
CA HIS B 262 -0.99 -8.50 8.56
C HIS B 262 -1.87 -9.38 9.37
N VAL B 263 -1.65 -9.35 10.67
CA VAL B 263 -2.39 -10.13 11.63
C VAL B 263 -2.90 -9.18 12.73
N ASN B 264 -3.96 -8.45 12.39
CA ASN B 264 -4.37 -7.33 13.19
C ASN B 264 -5.88 -7.17 13.40
N GLY B 265 -6.66 -8.20 13.12
CA GLY B 265 -8.09 -8.17 13.37
C GLY B 265 -8.86 -7.16 12.51
N GLY B 266 -8.20 -6.67 11.46
CA GLY B 266 -8.79 -5.66 10.54
C GLY B 266 -8.49 -4.22 10.91
N MET B 267 -7.67 -4.02 11.93
CA MET B 267 -7.25 -2.69 12.36
C MET B 267 -6.59 -1.87 11.26
N PHE B 268 -5.69 -2.48 10.49
CA PHE B 268 -5.15 -1.88 9.29
C PHE B 268 -5.27 -2.89 8.13
N MET B 269 -5.76 -2.41 6.99
CA MET B 269 -6.04 -3.25 5.83
C MET B 269 -5.29 -2.72 4.59
N SER B 270 -4.78 -3.65 3.79
CA SER B 270 -4.01 -3.33 2.56
C SER B 270 -3.97 -4.58 1.67
N ASP C 23 -2.90 -32.49 10.09
CA ASP C 23 -3.88 -33.04 9.10
C ASP C 23 -5.17 -32.19 9.13
N LYS C 24 -6.20 -32.64 9.86
CA LYS C 24 -7.58 -32.14 9.69
C LYS C 24 -7.97 -30.78 10.35
N THR C 25 -7.28 -29.71 9.98
CA THR C 25 -7.62 -28.37 10.48
C THR C 25 -9.04 -27.91 10.10
N LEU C 26 -9.57 -28.42 8.98
CA LEU C 26 -10.92 -28.06 8.49
C LEU C 26 -11.95 -29.19 8.66
N ASP C 27 -11.69 -30.07 9.62
CA ASP C 27 -12.51 -31.25 9.84
C ASP C 27 -13.98 -30.88 10.10
N LYS C 28 -14.89 -31.57 9.43
CA LYS C 28 -16.32 -31.34 9.58
C LYS C 28 -16.82 -29.99 9.00
N GLN C 29 -15.92 -29.15 8.45
CA GLN C 29 -16.38 -27.90 7.87
C GLN C 29 -16.87 -28.15 6.46
N VAL C 30 -17.73 -27.25 5.97
CA VAL C 30 -18.29 -27.31 4.63
C VAL C 30 -17.82 -26.08 3.83
N ALA C 31 -17.33 -26.32 2.63
CA ALA C 31 -16.77 -25.24 1.80
C ALA C 31 -17.31 -25.31 0.38
N ILE C 32 -17.59 -24.13 -0.19
CA ILE C 32 -17.86 -23.97 -1.60
C ILE C 32 -16.65 -23.31 -2.24
N VAL C 33 -16.12 -23.93 -3.28
CA VAL C 33 -15.09 -23.31 -4.07
C VAL C 33 -15.64 -23.11 -5.44
N THR C 34 -15.79 -21.86 -5.88
CA THR C 34 -16.18 -21.59 -7.27
C THR C 34 -15.01 -21.71 -8.22
N GLY C 35 -15.29 -22.11 -9.47
CA GLY C 35 -14.27 -22.27 -10.54
C GLY C 35 -13.23 -23.33 -10.21
N ALA C 36 -13.68 -24.49 -9.78
CA ALA C 36 -12.86 -25.53 -9.17
C ALA C 36 -12.38 -26.64 -10.13
N SER C 37 -12.56 -26.43 -11.45
CA SER C 37 -12.40 -27.52 -12.37
C SER C 37 -10.95 -27.71 -12.80
N ARG C 38 -10.17 -26.64 -12.83
CA ARG C 38 -8.77 -26.64 -13.31
C ARG C 38 -7.87 -25.79 -12.42
N GLY C 39 -6.58 -25.91 -12.70
CA GLY C 39 -5.53 -25.14 -12.09
C GLY C 39 -5.74 -24.80 -10.62
N ILE C 40 -5.87 -23.50 -10.35
CA ILE C 40 -5.92 -22.98 -8.98
C ILE C 40 -7.12 -23.50 -8.19
N GLY C 41 -8.29 -23.43 -8.82
CA GLY C 41 -9.54 -23.78 -8.16
C GLY C 41 -9.55 -25.25 -7.78
N ARG C 42 -9.02 -26.07 -8.66
CA ARG C 42 -8.92 -27.53 -8.41
C ARG C 42 -7.98 -27.82 -7.27
N ALA C 43 -6.81 -27.18 -7.30
CA ALA C 43 -5.83 -27.39 -6.24
C ALA C 43 -6.38 -26.96 -4.93
N ILE C 44 -7.10 -25.84 -4.90
CA ILE C 44 -7.72 -25.36 -3.68
C ILE C 44 -8.79 -26.35 -3.19
N ALA C 45 -9.66 -26.74 -4.11
CA ALA C 45 -10.71 -27.65 -3.76
C ALA C 45 -10.15 -28.94 -3.11
N LEU C 46 -9.12 -29.51 -3.71
CA LEU C 46 -8.53 -30.75 -3.19
C LEU C 46 -7.82 -30.49 -1.86
N GLU C 47 -7.04 -29.42 -1.77
CA GLU C 47 -6.35 -29.13 -0.53
C GLU C 47 -7.31 -28.98 0.64
N LEU C 48 -8.45 -28.31 0.42
CA LEU C 48 -9.42 -28.13 1.50
C LEU C 48 -10.00 -29.47 1.92
N ALA C 49 -10.28 -30.32 0.93
CA ALA C 49 -10.73 -31.67 1.22
C ALA C 49 -9.68 -32.48 1.97
N ARG C 50 -8.39 -32.43 1.60
CA ARG C 50 -7.38 -33.16 2.42
C ARG C 50 -7.37 -32.71 3.87
N ARG C 51 -7.71 -31.46 4.13
CA ARG C 51 -7.73 -31.01 5.53
C ARG C 51 -9.05 -31.32 6.26
N GLY C 52 -9.96 -32.02 5.60
CA GLY C 52 -11.14 -32.56 6.31
C GLY C 52 -12.45 -31.89 5.98
N ALA C 53 -12.40 -30.80 5.22
CA ALA C 53 -13.58 -30.12 4.70
C ALA C 53 -14.34 -30.99 3.69
N MET C 54 -15.66 -30.92 3.76
CA MET C 54 -16.55 -31.37 2.69
C MET C 54 -16.64 -30.22 1.67
N VAL C 55 -16.22 -30.45 0.42
CA VAL C 55 -16.09 -29.39 -0.52
C VAL C 55 -17.07 -29.54 -1.69
N ILE C 56 -17.79 -28.47 -2.02
CA ILE C 56 -18.54 -28.44 -3.24
C ILE C 56 -17.81 -27.50 -4.11
N GLY C 57 -17.27 -28.01 -5.21
CA GLY C 57 -16.54 -27.22 -6.16
C GLY C 57 -17.45 -27.00 -7.35
N THR C 58 -17.46 -25.79 -7.91
CA THR C 58 -18.42 -25.48 -8.97
C THR C 58 -17.71 -25.27 -10.27
N ALA C 59 -18.42 -25.53 -11.36
CA ALA C 59 -18.00 -25.03 -12.69
C ALA C 59 -19.26 -24.72 -13.50
N THR C 60 -19.09 -23.94 -14.55
CA THR C 60 -20.19 -23.50 -15.37
C THR C 60 -20.91 -24.71 -16.02
N THR C 61 -20.11 -25.65 -16.51
CA THR C 61 -20.65 -26.78 -17.26
C THR C 61 -20.66 -28.06 -16.45
N GLU C 62 -21.67 -28.90 -16.73
CA GLU C 62 -21.79 -30.22 -16.09
C GLU C 62 -20.59 -31.10 -16.41
N ALA C 63 -19.80 -30.69 -17.40
CA ALA C 63 -18.59 -31.35 -17.79
C ALA C 63 -17.53 -31.08 -16.74
N GLY C 64 -17.37 -29.80 -16.38
CA GLY C 64 -16.47 -29.37 -15.32
C GLY C 64 -16.90 -29.91 -14.00
N ALA C 65 -18.21 -30.00 -13.80
CA ALA C 65 -18.77 -30.57 -12.57
C ALA C 65 -18.41 -32.05 -12.38
N GLU C 66 -18.64 -32.84 -13.41
CA GLU C 66 -18.22 -34.27 -13.44
C GLU C 66 -16.72 -34.43 -13.16
N GLY C 67 -15.90 -33.65 -13.83
CA GLY C 67 -14.44 -33.62 -13.59
C GLY C 67 -14.04 -33.31 -12.16
N ILE C 68 -14.79 -32.38 -11.55
CA ILE C 68 -14.55 -32.00 -10.16
C ILE C 68 -14.82 -33.21 -9.30
N GLY C 69 -15.90 -33.94 -9.63
CA GLY C 69 -16.27 -35.17 -8.89
C GLY C 69 -15.18 -36.21 -8.98
N ALA C 70 -14.64 -36.34 -10.19
CA ALA C 70 -13.64 -37.33 -10.53
C ALA C 70 -12.28 -37.03 -9.86
N ALA C 71 -11.91 -35.75 -9.83
CA ALA C 71 -10.69 -35.33 -9.14
C ALA C 71 -10.74 -35.74 -7.67
N PHE C 72 -11.87 -35.57 -7.00
CA PHE C 72 -12.04 -36.02 -5.61
C PHE C 72 -11.95 -37.55 -5.52
N LYS C 73 -12.59 -38.24 -6.47
CA LYS C 73 -12.54 -39.72 -6.48
C LYS C 73 -11.12 -40.19 -6.62
N GLN C 74 -10.41 -39.59 -7.55
CA GLN C 74 -9.00 -39.90 -7.82
C GLN C 74 -8.09 -39.74 -6.59
N ALA C 75 -8.44 -38.79 -5.74
CA ALA C 75 -7.64 -38.50 -4.54
C ALA C 75 -8.17 -39.34 -3.37
N GLY C 76 -9.22 -40.11 -3.61
CA GLY C 76 -9.88 -40.86 -2.55
C GLY C 76 -10.56 -39.95 -1.54
N LEU C 77 -11.07 -38.81 -1.99
CA LEU C 77 -11.59 -37.81 -1.06
C LEU C 77 -13.08 -37.62 -1.19
N GLU C 78 -13.73 -37.30 -0.08
CA GLU C 78 -15.06 -36.70 -0.13
C GLU C 78 -14.98 -35.40 -0.91
N GLY C 79 -16.12 -34.98 -1.46
CA GLY C 79 -16.30 -33.72 -2.15
C GLY C 79 -17.17 -33.92 -3.38
N ARG C 80 -17.72 -32.85 -3.94
CA ARG C 80 -18.42 -33.02 -5.20
C ARG C 80 -18.41 -31.78 -6.04
N GLY C 81 -18.76 -32.00 -7.30
CA GLY C 81 -18.90 -30.96 -8.28
C GLY C 81 -20.35 -30.54 -8.42
N ALA C 82 -20.59 -29.24 -8.63
CA ALA C 82 -21.93 -28.70 -8.93
C ALA C 82 -21.83 -27.73 -10.10
N VAL C 83 -22.90 -27.57 -10.87
CA VAL C 83 -22.91 -26.61 -11.98
C VAL C 83 -23.38 -25.26 -11.43
N LEU C 84 -22.72 -24.17 -11.78
CA LEU C 84 -23.12 -22.83 -11.30
C LEU C 84 -22.70 -21.73 -12.26
N ASN C 85 -23.69 -20.97 -12.73
CA ASN C 85 -23.43 -19.71 -13.41
C ASN C 85 -23.39 -18.69 -12.26
N VAL C 86 -22.19 -18.23 -11.90
CA VAL C 86 -22.03 -17.33 -10.73
C VAL C 86 -22.68 -16.00 -11.04
N ASN C 87 -23.06 -15.80 -12.29
CA ASN C 87 -23.84 -14.63 -12.65
C ASN C 87 -25.35 -14.75 -12.44
N ASP C 88 -25.82 -15.95 -12.12
CA ASP C 88 -27.26 -16.21 -11.94
C ASP C 88 -27.63 -16.11 -10.47
N ALA C 89 -28.29 -14.99 -10.13
CA ALA C 89 -28.76 -14.71 -8.79
C ALA C 89 -29.52 -15.87 -8.18
N THR C 90 -30.49 -16.41 -8.90
CA THR C 90 -31.30 -17.52 -8.39
C THR C 90 -30.46 -18.79 -8.09
N ALA C 91 -29.64 -19.22 -9.04
CA ALA C 91 -28.75 -20.38 -8.84
C ALA C 91 -27.75 -20.18 -7.69
N VAL C 92 -27.16 -18.99 -7.60
CA VAL C 92 -26.29 -18.69 -6.45
C VAL C 92 -27.02 -18.93 -5.13
N ASP C 93 -28.17 -18.27 -4.93
CA ASP C 93 -28.89 -18.45 -3.66
C ASP C 93 -29.34 -19.89 -3.45
N ALA C 94 -29.63 -20.62 -4.51
CA ALA C 94 -30.11 -21.99 -4.38
C ALA C 94 -28.94 -22.95 -4.07
N LEU C 95 -27.74 -22.63 -4.55
CA LEU C 95 -26.58 -23.43 -4.12
C LEU C 95 -26.38 -23.32 -2.63
N VAL C 96 -26.48 -22.11 -2.11
CA VAL C 96 -26.31 -21.92 -0.66
C VAL C 96 -27.44 -22.65 0.07
N GLU C 97 -28.66 -22.46 -0.40
CA GLU C 97 -29.80 -23.14 0.22
C GLU C 97 -29.65 -24.66 0.23
N SER C 98 -29.28 -25.24 -0.91
CA SER C 98 -29.19 -26.68 -0.95
C SER C 98 -28.08 -27.14 -0.05
N THR C 99 -26.98 -26.38 -0.01
CA THR C 99 -25.84 -26.75 0.81
C THR C 99 -26.21 -26.77 2.28
N LEU C 100 -26.93 -25.74 2.74
CA LEU C 100 -27.38 -25.72 4.13
C LEU C 100 -28.38 -26.82 4.35
N LYS C 101 -29.25 -27.04 3.38
CA LYS C 101 -30.23 -28.13 3.45
C LYS C 101 -29.50 -29.47 3.69
N GLU C 102 -28.58 -29.83 2.80
CA GLU C 102 -27.89 -31.11 2.95
C GLU C 102 -26.91 -31.19 4.11
N PHE C 103 -26.06 -30.18 4.34
CA PHE C 103 -25.03 -30.32 5.38
C PHE C 103 -25.24 -29.55 6.67
N GLY C 104 -26.22 -28.66 6.69
CA GLY C 104 -26.56 -27.95 7.91
C GLY C 104 -25.61 -26.81 8.25
N ALA C 105 -24.73 -26.42 7.32
CA ALA C 105 -23.67 -25.45 7.66
C ALA C 105 -22.93 -25.06 6.40
N LEU C 106 -22.28 -23.91 6.43
CA LEU C 106 -21.54 -23.41 5.29
C LEU C 106 -20.44 -22.54 5.84
N ASN C 107 -19.24 -23.10 6.03
CA ASN C 107 -18.21 -22.48 6.84
C ASN C 107 -17.24 -21.67 6.03
N VAL C 108 -17.07 -22.04 4.75
CA VAL C 108 -16.03 -21.46 3.88
C VAL C 108 -16.54 -21.24 2.46
N LEU C 109 -16.26 -20.05 1.91
CA LEU C 109 -16.43 -19.75 0.50
C LEU C 109 -15.11 -19.35 -0.01
N VAL C 110 -14.70 -19.98 -1.12
CA VAL C 110 -13.59 -19.52 -1.86
C VAL C 110 -14.05 -19.00 -3.22
N ASN C 111 -13.87 -17.70 -3.49
CA ASN C 111 -14.33 -17.15 -4.76
C ASN C 111 -13.22 -17.23 -5.76
N ASN C 112 -13.21 -18.28 -6.56
CA ASN C 112 -12.18 -18.47 -7.57
C ASN C 112 -12.66 -18.33 -9.01
N ALA C 113 -13.96 -18.38 -9.25
CA ALA C 113 -14.47 -18.31 -10.61
C ALA C 113 -14.09 -16.95 -11.18
N GLY C 114 -13.74 -16.89 -12.45
CA GLY C 114 -13.25 -15.62 -13.00
C GLY C 114 -12.80 -15.78 -14.43
N ILE C 115 -13.01 -14.75 -15.23
CA ILE C 115 -12.52 -14.77 -16.59
C ILE C 115 -11.66 -13.54 -16.88
N THR C 116 -10.93 -13.62 -17.98
CA THR C 116 -10.28 -12.46 -18.57
C THR C 116 -10.96 -12.21 -19.94
N GLN C 117 -10.96 -10.97 -20.36
CA GLN C 117 -11.30 -10.56 -21.73
C GLN C 117 -10.38 -9.38 -22.02
N ASP C 118 -9.13 -9.70 -22.32
CA ASP C 118 -8.09 -8.69 -22.51
C ASP C 118 -8.29 -7.93 -23.81
N GLN C 119 -8.04 -6.62 -23.74
CA GLN C 119 -8.19 -5.72 -24.87
C GLN C 119 -7.64 -4.35 -24.44
N LEU C 120 -7.01 -3.60 -25.36
CA LEU C 120 -6.57 -2.24 -25.05
C LEU C 120 -7.81 -1.46 -24.66
N ALA C 121 -7.73 -0.68 -23.58
CA ALA C 121 -8.90 0.03 -23.04
C ALA C 121 -9.62 0.82 -24.13
N MET C 122 -8.85 1.50 -24.98
CA MET C 122 -9.43 2.39 -26.00
C MET C 122 -10.19 1.63 -27.11
N ARG C 123 -9.94 0.32 -27.23
CA ARG C 123 -10.67 -0.58 -28.15
C ARG C 123 -11.68 -1.50 -27.46
N MET C 124 -11.61 -1.56 -26.12
CA MET C 124 -12.39 -2.53 -25.37
C MET C 124 -13.87 -2.28 -25.57
N LYS C 125 -14.63 -3.36 -25.77
CA LYS C 125 -16.07 -3.27 -25.93
C LYS C 125 -16.76 -3.29 -24.59
N ASP C 126 -17.98 -2.78 -24.59
CA ASP C 126 -18.81 -2.79 -23.40
C ASP C 126 -18.99 -4.19 -22.85
N ASP C 127 -19.17 -5.18 -23.73
CA ASP C 127 -19.43 -6.52 -23.28
C ASP C 127 -18.18 -7.24 -22.75
N GLU C 128 -17.01 -6.78 -23.20
CA GLU C 128 -15.71 -7.22 -22.67
C GLU C 128 -15.42 -6.62 -21.28
N TRP C 129 -15.89 -5.40 -21.04
CA TRP C 129 -15.82 -4.79 -19.73
C TRP C 129 -16.83 -5.48 -18.80
N ASP C 130 -18.09 -5.53 -19.24
CA ASP C 130 -19.16 -6.10 -18.43
C ASP C 130 -18.89 -7.54 -18.03
N ALA C 131 -18.34 -8.33 -18.94
CA ALA C 131 -18.15 -9.74 -18.68
C ALA C 131 -17.16 -9.95 -17.55
N VAL C 132 -16.01 -9.28 -17.63
CA VAL C 132 -15.01 -9.35 -16.58
C VAL C 132 -15.54 -8.83 -15.24
N ILE C 133 -16.26 -7.71 -15.25
CA ILE C 133 -16.79 -7.13 -14.03
C ILE C 133 -17.93 -7.95 -13.42
N ASP C 134 -18.89 -8.42 -14.24
CA ASP C 134 -19.94 -9.28 -13.73
C ASP C 134 -19.36 -10.47 -13.03
N THR C 135 -18.47 -11.19 -13.72
CA THR C 135 -17.97 -12.47 -13.24
C THR C 135 -16.97 -12.32 -12.10
N ASN C 136 -16.04 -11.39 -12.24
CA ASN C 136 -14.97 -11.24 -11.29
C ASN C 136 -15.30 -10.33 -10.13
N LEU C 137 -16.35 -9.51 -10.21
CA LEU C 137 -16.61 -8.55 -9.14
C LEU C 137 -18.02 -8.64 -8.65
N LYS C 138 -19.00 -8.42 -9.51
CA LYS C 138 -20.37 -8.55 -9.10
C LYS C 138 -20.67 -9.94 -8.54
N ALA C 139 -20.26 -10.99 -9.24
CA ALA C 139 -20.60 -12.35 -8.74
C ALA C 139 -19.94 -12.64 -7.40
N VAL C 140 -18.77 -12.06 -7.19
CA VAL C 140 -18.08 -12.21 -5.91
C VAL C 140 -18.94 -11.54 -4.81
N PHE C 141 -19.47 -10.37 -5.10
CA PHE C 141 -20.40 -9.75 -4.16
C PHE C 141 -21.67 -10.61 -3.89
N ARG C 142 -22.27 -11.14 -4.93
CA ARG C 142 -23.47 -11.95 -4.77
C ARG C 142 -23.21 -13.15 -3.92
N LEU C 143 -22.14 -13.83 -4.25
CA LEU C 143 -21.83 -15.06 -3.58
C LEU C 143 -21.59 -14.78 -2.12
N SER C 144 -20.77 -13.78 -1.84
CA SER C 144 -20.47 -13.40 -0.48
C SER C 144 -21.68 -12.96 0.31
N ARG C 145 -22.53 -12.12 -0.30
CA ARG C 145 -23.77 -11.71 0.37
C ARG C 145 -24.62 -12.94 0.73
N ALA C 146 -24.74 -13.93 -0.14
CA ALA C 146 -25.57 -15.10 0.16
C ALA C 146 -24.97 -15.96 1.27
N VAL C 147 -23.64 -16.16 1.30
CA VAL C 147 -23.06 -17.03 2.37
C VAL C 147 -23.05 -16.35 3.71
N LEU C 148 -23.09 -15.01 3.74
CA LEU C 148 -23.13 -14.31 5.04
C LEU C 148 -24.39 -14.57 5.89
N ARG C 149 -25.48 -14.93 5.26
CA ARG C 149 -26.67 -15.20 6.05
C ARG C 149 -26.37 -16.38 6.97
N PRO C 150 -26.07 -17.57 6.40
CA PRO C 150 -25.70 -18.65 7.31
C PRO C 150 -24.46 -18.32 8.16
N MET C 151 -23.47 -17.67 7.58
CA MET C 151 -22.27 -17.42 8.39
C MET C 151 -22.57 -16.56 9.59
N MET C 152 -23.35 -15.51 9.39
CA MET C 152 -23.61 -14.58 10.46
C MET C 152 -24.45 -15.23 11.55
N LYS C 153 -25.33 -16.15 11.21
CA LYS C 153 -26.11 -16.88 12.21
C LYS C 153 -25.25 -17.87 12.99
N ALA C 154 -24.20 -18.37 12.34
CA ALA C 154 -23.27 -19.25 13.04
C ALA C 154 -22.17 -18.47 13.76
N ARG C 155 -22.09 -17.15 13.58
CA ARG C 155 -20.98 -16.33 14.10
C ARG C 155 -19.60 -16.93 13.80
N GLY C 156 -19.37 -17.28 12.55
CA GLY C 156 -18.10 -17.88 12.16
C GLY C 156 -18.16 -18.13 10.68
N GLY C 157 -17.00 -18.08 10.05
CA GLY C 157 -16.91 -18.33 8.63
C GLY C 157 -15.65 -17.69 8.08
N ARG C 158 -15.40 -18.00 6.82
CA ARG C 158 -14.30 -17.59 6.02
C ARG C 158 -14.78 -17.34 4.60
N ILE C 159 -14.42 -16.19 4.08
CA ILE C 159 -14.53 -15.92 2.68
C ILE C 159 -13.13 -15.59 2.22
N VAL C 160 -12.65 -16.31 1.20
CA VAL C 160 -11.37 -16.06 0.65
C VAL C 160 -11.56 -15.78 -0.80
N ASN C 161 -11.13 -14.60 -1.22
CA ASN C 161 -11.26 -14.20 -2.61
C ASN C 161 -9.92 -14.33 -3.35
N ILE C 162 -9.90 -15.06 -4.46
CA ILE C 162 -8.72 -15.20 -5.27
C ILE C 162 -8.75 -14.05 -6.23
N THR C 163 -7.79 -13.15 -6.09
CA THR C 163 -7.71 -11.98 -6.93
C THR C 163 -6.52 -12.16 -7.82
N SER C 164 -5.56 -11.26 -7.73
CA SER C 164 -4.42 -11.26 -8.63
C SER C 164 -3.58 -10.01 -8.39
N VAL C 165 -2.27 -10.20 -8.55
CA VAL C 165 -1.30 -9.12 -8.57
C VAL C 165 -1.81 -7.97 -9.48
N VAL C 166 -2.52 -8.30 -10.56
CA VAL C 166 -3.01 -7.28 -11.50
C VAL C 166 -3.95 -6.29 -10.80
N GLY C 167 -4.69 -6.77 -9.79
CA GLY C 167 -5.41 -5.89 -8.84
C GLY C 167 -4.54 -4.83 -8.16
N SER C 168 -3.29 -5.17 -7.82
CA SER C 168 -2.38 -4.22 -7.12
C SER C 168 -1.43 -3.43 -8.04
N ALA C 169 -0.85 -4.08 -9.05
CA ALA C 169 0.17 -3.47 -9.92
C ALA C 169 -0.32 -3.05 -11.31
N GLY C 170 -1.52 -3.48 -11.71
CA GLY C 170 -2.05 -3.14 -13.02
C GLY C 170 -1.29 -3.88 -14.11
N ASN C 171 -1.83 -3.84 -15.32
CA ASN C 171 -1.24 -4.58 -16.45
C ASN C 171 -1.85 -4.09 -17.75
N PRO C 172 -1.01 -3.73 -18.74
CA PRO C 172 -1.52 -3.45 -20.09
C PRO C 172 -2.46 -4.55 -20.64
N GLY C 173 -3.59 -4.18 -21.25
CA GLY C 173 -4.57 -5.14 -21.82
C GLY C 173 -5.67 -5.57 -20.85
N GLN C 174 -5.45 -5.28 -19.57
CA GLN C 174 -6.25 -5.83 -18.51
C GLN C 174 -6.84 -4.77 -17.58
N VAL C 175 -7.29 -3.65 -18.15
CA VAL C 175 -7.95 -2.58 -17.39
C VAL C 175 -9.28 -3.04 -16.80
N ASN C 176 -10.00 -3.89 -17.51
CA ASN C 176 -11.18 -4.51 -16.94
C ASN C 176 -10.83 -5.50 -15.81
N TYR C 177 -9.76 -6.28 -15.99
CA TYR C 177 -9.36 -7.28 -15.03
C TYR C 177 -8.77 -6.65 -13.77
N ALA C 178 -7.91 -5.66 -13.97
CA ALA C 178 -7.31 -4.89 -12.89
C ALA C 178 -8.40 -4.19 -12.08
N ALA C 179 -9.36 -3.56 -12.74
CA ALA C 179 -10.46 -2.92 -11.98
C ALA C 179 -11.30 -3.93 -11.20
N ALA C 180 -11.63 -5.08 -11.82
CA ALA C 180 -12.44 -6.06 -11.13
C ALA C 180 -11.73 -6.54 -9.88
N LYS C 181 -10.48 -6.97 -10.05
CA LYS C 181 -9.71 -7.55 -8.94
C LYS C 181 -9.43 -6.54 -7.82
N ALA C 182 -9.00 -5.33 -8.17
CA ALA C 182 -8.85 -4.24 -7.21
C ALA C 182 -10.20 -3.95 -6.51
N GLY C 183 -11.30 -4.03 -7.24
CA GLY C 183 -12.61 -3.89 -6.64
C GLY C 183 -12.94 -4.96 -5.65
N VAL C 184 -12.51 -6.19 -5.94
CA VAL C 184 -12.75 -7.24 -5.01
C VAL C 184 -11.97 -6.91 -3.70
N ALA C 185 -10.74 -6.43 -3.82
CA ALA C 185 -9.93 -6.15 -2.61
C ALA C 185 -10.64 -5.04 -1.82
N GLY C 186 -11.26 -4.09 -2.52
CA GLY C 186 -11.94 -2.97 -1.84
C GLY C 186 -13.20 -3.38 -1.11
N MET C 187 -13.97 -4.23 -1.77
CA MET C 187 -15.12 -4.87 -1.17
C MET C 187 -14.73 -5.61 0.10
N THR C 188 -13.62 -6.35 0.02
CA THR C 188 -13.16 -7.20 1.12
C THR C 188 -12.88 -6.41 2.40
N ARG C 189 -12.21 -5.27 2.24
CA ARG C 189 -11.95 -4.38 3.35
C ARG C 189 -13.27 -3.82 3.96
N ALA C 190 -14.21 -3.37 3.12
CA ALA C 190 -15.52 -2.79 3.59
C ALA C 190 -16.34 -3.87 4.29
N LEU C 191 -16.40 -5.04 3.67
CA LEU C 191 -17.06 -6.21 4.26
C LEU C 191 -16.42 -6.69 5.58
N ALA C 192 -15.08 -6.80 5.61
CA ALA C 192 -14.40 -7.13 6.88
C ALA C 192 -14.82 -6.17 8.00
N ARG C 193 -14.87 -4.87 7.71
CA ARG C 193 -15.36 -3.88 8.69
C ARG C 193 -16.83 -4.12 9.08
N GLU C 194 -17.68 -4.41 8.10
CA GLU C 194 -19.08 -4.66 8.35
C GLU C 194 -19.33 -5.91 9.16
N ILE C 195 -18.63 -7.00 8.83
CA ILE C 195 -18.97 -8.30 9.41
C ILE C 195 -17.96 -8.79 10.43
N GLY C 196 -17.04 -7.92 10.81
CA GLY C 196 -15.91 -8.33 11.68
C GLY C 196 -16.39 -8.77 13.04
N SER C 197 -17.33 -8.03 13.61
CA SER C 197 -17.85 -8.28 14.94
C SER C 197 -18.56 -9.65 15.13
N ARG C 198 -18.89 -10.35 14.05
CA ARG C 198 -19.53 -11.65 14.10
C ARG C 198 -18.53 -12.78 13.92
N GLY C 199 -17.24 -12.44 13.78
CA GLY C 199 -16.20 -13.47 13.74
C GLY C 199 -15.82 -13.99 12.35
N ILE C 200 -16.51 -13.56 11.31
CA ILE C 200 -16.18 -13.96 9.95
C ILE C 200 -14.98 -13.15 9.41
N THR C 201 -14.02 -13.84 8.78
CA THR C 201 -12.93 -13.16 8.12
C THR C 201 -13.15 -13.14 6.64
N VAL C 202 -12.79 -12.03 5.98
CA VAL C 202 -12.82 -11.93 4.52
C VAL C 202 -11.44 -11.46 4.12
N ASN C 203 -10.78 -12.23 3.27
CA ASN C 203 -9.42 -11.95 2.86
C ASN C 203 -9.30 -12.27 1.41
N CYS C 204 -8.31 -11.68 0.76
CA CYS C 204 -7.94 -12.05 -0.59
C CYS C 204 -6.65 -12.83 -0.66
N VAL C 205 -6.52 -13.71 -1.65
CA VAL C 205 -5.22 -14.27 -1.99
C VAL C 205 -4.99 -13.84 -3.42
N ALA C 206 -3.86 -13.18 -3.64
CA ALA C 206 -3.48 -12.65 -4.92
C ALA C 206 -2.31 -13.37 -5.55
N PRO C 207 -2.60 -14.30 -6.45
CA PRO C 207 -1.53 -14.98 -7.19
C PRO C 207 -0.79 -14.01 -8.09
N GLY C 208 0.50 -14.24 -8.27
CA GLY C 208 1.22 -13.62 -9.37
C GLY C 208 1.03 -14.52 -10.61
N PHE C 209 2.11 -14.78 -11.33
CA PHE C 209 2.09 -15.66 -12.49
C PHE C 209 2.26 -17.08 -12.02
N ILE C 210 1.22 -17.87 -12.28
CA ILE C 210 1.15 -19.23 -11.82
C ILE C 210 1.22 -20.09 -13.10
N ASP C 211 1.93 -21.20 -13.01
CA ASP C 211 1.95 -22.12 -14.13
C ASP C 211 0.64 -22.92 -14.17
N THR C 212 -0.15 -22.65 -15.21
CA THR C 212 -1.35 -23.45 -15.52
C THR C 212 -1.31 -23.85 -17.02
N ASP C 213 -2.40 -24.44 -17.49
CA ASP C 213 -2.58 -24.67 -18.92
C ASP C 213 -2.76 -23.33 -19.67
N MET C 214 -3.08 -22.25 -18.94
CA MET C 214 -3.11 -20.89 -19.50
C MET C 214 -1.70 -20.31 -19.66
N THR C 215 -0.83 -20.53 -18.67
CA THR C 215 0.57 -20.07 -18.71
C THR C 215 1.48 -21.03 -19.49
N LYS C 216 1.23 -22.34 -19.35
CA LYS C 216 1.99 -23.38 -20.08
C LYS C 216 1.44 -23.55 -21.50
N GLU C 221 10.72 -18.32 -24.67
CA GLU C 221 10.96 -16.89 -24.57
C GLU C 221 9.75 -16.13 -23.98
N GLN C 222 8.55 -16.70 -24.18
CA GLN C 222 7.30 -16.16 -23.58
C GLN C 222 7.33 -16.35 -22.06
N GLN C 223 7.69 -17.57 -21.63
CA GLN C 223 7.88 -17.90 -20.21
C GLN C 223 9.12 -17.21 -19.63
N THR C 224 10.19 -17.10 -20.42
CA THR C 224 11.43 -16.48 -19.97
C THR C 224 11.21 -15.03 -19.60
N ALA C 225 10.46 -14.30 -20.44
CA ALA C 225 10.15 -12.89 -20.15
C ALA C 225 9.47 -12.75 -18.78
N LEU C 226 8.40 -13.52 -18.58
CA LEU C 226 7.62 -13.50 -17.34
C LEU C 226 8.51 -13.69 -16.11
N LYS C 227 9.45 -14.64 -16.18
CA LYS C 227 10.37 -14.94 -15.05
C LYS C 227 11.32 -13.82 -14.60
N THR C 228 11.82 -12.99 -15.50
CA THR C 228 12.67 -11.84 -15.13
C THR C 228 11.93 -10.88 -14.20
N GLN C 229 10.61 -10.81 -14.29
CA GLN C 229 9.82 -9.99 -13.37
C GLN C 229 9.73 -10.54 -11.91
N ILE C 230 10.11 -11.81 -11.70
CA ILE C 230 9.86 -12.55 -10.48
C ILE C 230 11.19 -12.81 -9.74
N PRO C 231 11.40 -12.15 -8.59
CA PRO C 231 12.64 -12.36 -7.86
C PRO C 231 13.00 -13.84 -7.58
N LEU C 232 12.03 -14.66 -7.18
CA LEU C 232 12.30 -16.08 -6.94
C LEU C 232 12.69 -16.91 -8.19
N GLY C 233 12.46 -16.34 -9.37
CA GLY C 233 12.97 -16.89 -10.64
C GLY C 233 12.12 -17.93 -11.32
N ARG C 234 10.87 -18.11 -10.91
CA ARG C 234 10.04 -19.21 -11.40
C ARG C 234 8.58 -18.84 -11.26
N LEU C 235 7.72 -19.54 -11.98
CA LEU C 235 6.28 -19.31 -11.88
C LEU C 235 5.84 -20.07 -10.64
N GLY C 236 4.73 -19.65 -10.05
CA GLY C 236 4.16 -20.39 -8.93
C GLY C 236 3.35 -21.57 -9.40
N SER C 237 2.89 -22.37 -8.45
CA SER C 237 2.00 -23.48 -8.71
C SER C 237 0.60 -23.24 -8.13
N PRO C 238 -0.40 -23.94 -8.65
CA PRO C 238 -1.70 -23.98 -8.01
C PRO C 238 -1.60 -24.37 -6.55
N GLU C 239 -0.70 -25.28 -6.20
CA GLU C 239 -0.56 -25.66 -4.82
C GLU C 239 -0.08 -24.47 -3.94
N ASP C 240 0.75 -23.57 -4.47
CA ASP C 240 1.16 -22.38 -3.71
C ASP C 240 -0.08 -21.58 -3.30
N ILE C 241 -1.01 -21.40 -4.23
CA ILE C 241 -2.26 -20.68 -3.92
C ILE C 241 -3.09 -21.50 -2.98
N ALA C 242 -3.24 -22.79 -3.25
CA ALA C 242 -4.09 -23.63 -2.39
C ALA C 242 -3.62 -23.67 -0.93
N HIS C 243 -2.32 -23.69 -0.71
CA HIS C 243 -1.81 -23.73 0.67
C HIS C 243 -2.11 -22.40 1.37
N ALA C 244 -2.01 -21.28 0.65
CA ALA C 244 -2.30 -19.96 1.22
C ALA C 244 -3.76 -19.88 1.58
N VAL C 245 -4.61 -20.40 0.70
CA VAL C 245 -6.03 -20.38 0.91
C VAL C 245 -6.37 -21.23 2.12
N ALA C 246 -5.75 -22.42 2.21
CA ALA C 246 -6.04 -23.33 3.32
C ALA C 246 -5.60 -22.72 4.65
N PHE C 247 -4.53 -21.94 4.62
CA PHE C 247 -4.06 -21.25 5.83
C PHE C 247 -5.12 -20.24 6.27
N LEU C 248 -5.58 -19.42 5.35
CA LEU C 248 -6.55 -18.40 5.71
C LEU C 248 -7.87 -19.01 6.16
N ALA C 249 -8.28 -20.12 5.54
CA ALA C 249 -9.49 -20.84 5.92
C ALA C 249 -9.45 -21.49 7.30
N SER C 250 -8.26 -21.66 7.86
CA SER C 250 -8.10 -22.48 9.05
C SER C 250 -8.62 -21.69 10.28
N PRO C 251 -9.10 -22.40 11.35
CA PRO C 251 -9.37 -21.70 12.60
C PRO C 251 -8.18 -20.89 13.10
N GLN C 252 -6.97 -21.25 12.69
CA GLN C 252 -5.75 -20.65 13.19
C GLN C 252 -5.46 -19.27 12.58
N ALA C 253 -6.14 -18.91 11.48
CA ALA C 253 -5.98 -17.61 10.87
C ALA C 253 -7.15 -16.64 11.22
N GLY C 254 -7.84 -16.90 12.31
CA GLY C 254 -9.06 -16.16 12.69
C GLY C 254 -8.90 -14.72 13.12
N TYR C 255 -7.65 -14.25 13.26
CA TYR C 255 -7.38 -12.85 13.55
C TYR C 255 -6.92 -12.12 12.30
N ILE C 256 -6.89 -12.81 11.16
CA ILE C 256 -6.49 -12.14 9.96
C ILE C 256 -7.76 -11.74 9.18
N THR C 257 -7.97 -10.44 8.93
CA THR C 257 -9.11 -10.01 8.12
C THR C 257 -8.88 -8.75 7.34
N GLY C 258 -9.48 -8.70 6.16
CA GLY C 258 -9.41 -7.55 5.32
C GLY C 258 -8.08 -7.40 4.59
N THR C 259 -7.27 -8.44 4.59
CA THR C 259 -5.96 -8.31 4.00
C THR C 259 -5.90 -9.00 2.67
N THR C 260 -4.80 -8.76 1.97
CA THR C 260 -4.41 -9.48 0.78
C THR C 260 -3.11 -10.21 1.11
N LEU C 261 -3.12 -11.51 0.88
CA LEU C 261 -1.93 -12.34 0.99
C LEU C 261 -1.39 -12.53 -0.40
N HIS C 262 -0.28 -11.88 -0.68
CA HIS C 262 0.39 -11.96 -1.96
C HIS C 262 1.21 -13.23 -2.09
N VAL C 263 0.96 -13.94 -3.19
CA VAL C 263 1.65 -15.17 -3.47
C VAL C 263 2.19 -15.01 -4.89
N ASN C 264 3.30 -14.28 -4.99
CA ASN C 264 3.74 -13.85 -6.31
C ASN C 264 5.23 -13.87 -6.55
N GLY C 265 5.96 -14.54 -5.66
CA GLY C 265 7.38 -14.75 -5.85
C GLY C 265 8.22 -13.50 -5.72
N GLY C 266 7.65 -12.41 -5.17
CA GLY C 266 8.38 -11.17 -5.01
C GLY C 266 8.10 -10.21 -6.15
N MET C 267 7.26 -10.60 -7.10
CA MET C 267 6.86 -9.74 -8.24
C MET C 267 6.18 -8.39 -7.84
N PHE C 268 5.34 -8.43 -6.82
CA PHE C 268 4.77 -7.20 -6.24
C PHE C 268 4.90 -7.37 -4.74
N MET C 269 5.46 -6.34 -4.12
CA MET C 269 5.81 -6.37 -2.71
C MET C 269 5.09 -5.20 -2.08
N SER C 270 4.39 -5.47 -0.99
CA SER C 270 3.62 -4.42 -0.32
C SER C 270 3.72 -4.56 1.18
N ASP D 23 -0.13 31.61 -12.52
CA ASP D 23 -1.59 31.31 -12.56
C ASP D 23 -1.95 30.30 -13.68
N LYS D 24 -1.69 30.66 -14.94
CA LYS D 24 -2.32 30.02 -16.14
C LYS D 24 -1.69 28.76 -16.67
N THR D 25 -1.48 27.80 -15.79
CA THR D 25 -0.81 26.58 -16.16
C THR D 25 -1.65 25.69 -17.09
N LEU D 26 -2.95 25.98 -17.25
CA LEU D 26 -3.81 25.21 -18.16
C LEU D 26 -4.31 26.05 -19.36
N ASP D 27 -3.74 27.23 -19.53
CA ASP D 27 -4.07 28.07 -20.67
C ASP D 27 -4.37 27.30 -21.96
N LYS D 28 -5.56 27.53 -22.52
CA LYS D 28 -5.97 26.96 -23.81
C LYS D 28 -6.19 25.45 -23.75
N GLN D 29 -6.33 24.87 -22.56
CA GLN D 29 -6.61 23.48 -22.53
C GLN D 29 -8.11 23.35 -22.50
N VAL D 30 -8.60 22.19 -22.91
CA VAL D 30 -10.00 21.90 -22.89
C VAL D 30 -10.19 20.73 -21.93
N ALA D 31 -11.06 20.91 -20.95
CA ALA D 31 -11.27 19.93 -19.87
C ALA D 31 -12.72 19.60 -19.76
N ILE D 32 -13.05 18.34 -19.60
CA ILE D 32 -14.35 17.97 -19.17
C ILE D 32 -14.34 17.48 -17.71
N VAL D 33 -15.20 18.06 -16.90
CA VAL D 33 -15.43 17.58 -15.54
C VAL D 33 -16.84 17.00 -15.41
N THR D 34 -16.97 15.70 -15.21
CA THR D 34 -18.30 15.12 -14.98
C THR D 34 -18.71 15.31 -13.51
N GLY D 35 -20.00 15.55 -13.27
CA GLY D 35 -20.55 15.74 -11.90
C GLY D 35 -20.07 17.04 -11.29
N ALA D 36 -20.17 18.12 -12.07
CA ALA D 36 -19.54 19.39 -11.70
C ALA D 36 -20.54 20.37 -11.07
N SER D 37 -21.70 19.88 -10.67
CA SER D 37 -22.77 20.78 -10.24
C SER D 37 -22.60 21.38 -8.85
N ARG D 38 -22.04 20.64 -7.91
CA ARG D 38 -21.97 21.14 -6.55
C ARG D 38 -20.70 20.62 -5.92
N GLY D 39 -20.49 21.05 -4.68
CA GLY D 39 -19.34 20.69 -3.88
C GLY D 39 -18.05 20.51 -4.65
N ILE D 40 -17.50 19.30 -4.55
CA ILE D 40 -16.20 19.00 -5.08
C ILE D 40 -16.16 19.24 -6.59
N GLY D 41 -17.15 18.76 -7.33
CA GLY D 41 -17.16 18.92 -8.79
C GLY D 41 -17.11 20.36 -9.26
N ARG D 42 -17.91 21.19 -8.60
CA ARG D 42 -17.97 22.62 -8.86
C ARG D 42 -16.63 23.30 -8.58
N ALA D 43 -16.01 22.97 -7.44
CA ALA D 43 -14.77 23.62 -7.04
C ALA D 43 -13.66 23.26 -8.03
N ILE D 44 -13.67 22.00 -8.48
CA ILE D 44 -12.75 21.51 -9.50
C ILE D 44 -12.93 22.27 -10.82
N ALA D 45 -14.17 22.29 -11.28
CA ALA D 45 -14.49 22.94 -12.56
C ALA D 45 -13.96 24.39 -12.52
N LEU D 46 -14.28 25.10 -11.45
CA LEU D 46 -13.88 26.48 -11.33
C LEU D 46 -12.38 26.63 -11.26
N GLU D 47 -11.69 25.77 -10.52
CA GLU D 47 -10.25 25.93 -10.36
C GLU D 47 -9.50 25.68 -11.67
N LEU D 48 -9.99 24.74 -12.46
CA LEU D 48 -9.43 24.52 -13.79
C LEU D 48 -9.67 25.73 -14.68
N ALA D 49 -10.85 26.34 -14.59
CA ALA D 49 -11.17 27.48 -15.43
C ALA D 49 -10.23 28.60 -15.00
N ARG D 50 -10.05 28.78 -13.69
CA ARG D 50 -9.14 29.80 -13.14
C ARG D 50 -7.74 29.70 -13.67
N ARG D 51 -7.32 28.48 -14.04
CA ARG D 51 -5.97 28.31 -14.50
C ARG D 51 -5.85 28.32 -16.04
N GLY D 52 -6.96 28.61 -16.72
CA GLY D 52 -6.94 28.90 -18.15
C GLY D 52 -7.73 27.93 -18.97
N ALA D 53 -8.08 26.77 -18.40
CA ALA D 53 -8.76 25.75 -19.20
C ALA D 53 -10.17 26.21 -19.56
N MET D 54 -10.60 25.71 -20.71
CA MET D 54 -11.97 25.82 -21.11
C MET D 54 -12.60 24.53 -20.59
N VAL D 55 -13.63 24.67 -19.75
CA VAL D 55 -14.15 23.56 -18.97
C VAL D 55 -15.60 23.35 -19.32
N ILE D 56 -15.97 22.12 -19.65
CA ILE D 56 -17.36 21.73 -19.76
C ILE D 56 -17.65 20.85 -18.54
N GLY D 57 -18.51 21.34 -17.63
CA GLY D 57 -18.97 20.57 -16.47
C GLY D 57 -20.28 19.89 -16.77
N THR D 58 -20.42 18.65 -16.33
CA THR D 58 -21.64 17.93 -16.62
C THR D 58 -22.51 17.74 -15.38
N ALA D 59 -23.81 17.66 -15.63
CA ALA D 59 -24.76 17.34 -14.59
C ALA D 59 -25.77 16.42 -15.22
N THR D 60 -26.57 15.82 -14.38
CA THR D 60 -27.59 14.88 -14.82
C THR D 60 -28.86 15.62 -15.30
N THR D 61 -29.01 16.89 -14.93
CA THR D 61 -30.21 17.65 -15.26
C THR D 61 -29.89 19.05 -15.79
N GLU D 62 -30.88 19.66 -16.42
CA GLU D 62 -30.77 20.96 -17.02
C GLU D 62 -30.51 21.99 -15.91
N ALA D 63 -31.23 21.88 -14.79
CA ALA D 63 -30.95 22.71 -13.62
C ALA D 63 -29.49 22.62 -13.21
N GLY D 64 -28.97 21.40 -13.13
CA GLY D 64 -27.56 21.22 -12.92
C GLY D 64 -26.71 21.93 -13.96
N ALA D 65 -26.99 21.66 -15.24
CA ALA D 65 -26.23 22.27 -16.34
C ALA D 65 -26.24 23.81 -16.26
N GLU D 66 -27.40 24.40 -15.98
CA GLU D 66 -27.49 25.86 -15.88
C GLU D 66 -26.74 26.42 -14.66
N GLY D 67 -26.79 25.69 -13.54
CA GLY D 67 -26.07 26.09 -12.33
C GLY D 67 -24.58 26.08 -12.58
N ILE D 68 -24.10 25.09 -13.34
CA ILE D 68 -22.66 25.04 -13.72
C ILE D 68 -22.27 26.28 -14.54
N GLY D 69 -23.00 26.56 -15.63
CA GLY D 69 -22.80 27.85 -16.37
C GLY D 69 -22.84 29.08 -15.46
N ALA D 70 -23.83 29.16 -14.59
CA ALA D 70 -23.93 30.30 -13.63
C ALA D 70 -22.71 30.44 -12.71
N ALA D 71 -22.18 29.33 -12.24
CA ALA D 71 -21.03 29.37 -11.38
C ALA D 71 -19.79 29.91 -12.12
N PHE D 72 -19.59 29.56 -13.39
CA PHE D 72 -18.47 30.14 -14.13
C PHE D 72 -18.69 31.65 -14.23
N LYS D 73 -19.87 32.04 -14.68
CA LYS D 73 -20.19 33.48 -14.81
C LYS D 73 -20.09 34.28 -13.55
N GLN D 74 -20.54 33.74 -12.41
CA GLN D 74 -20.34 34.44 -11.15
C GLN D 74 -18.86 34.65 -10.80
N ALA D 75 -17.99 33.76 -11.26
CA ALA D 75 -16.55 33.86 -10.99
C ALA D 75 -15.84 34.70 -12.03
N GLY D 76 -16.55 35.11 -13.08
CA GLY D 76 -15.96 35.82 -14.22
C GLY D 76 -15.05 34.93 -15.05
N LEU D 77 -15.44 33.67 -15.20
CA LEU D 77 -14.66 32.69 -15.94
C LEU D 77 -15.41 32.26 -17.19
N GLU D 78 -14.66 31.87 -18.20
CA GLU D 78 -15.23 31.09 -19.30
C GLU D 78 -15.52 29.69 -18.79
N GLY D 79 -16.42 28.97 -19.46
CA GLY D 79 -16.84 27.63 -19.03
C GLY D 79 -18.28 27.38 -19.38
N ARG D 80 -18.66 26.10 -19.43
CA ARG D 80 -19.97 25.67 -19.90
C ARG D 80 -20.56 24.53 -19.07
N GLY D 81 -21.88 24.53 -18.91
CA GLY D 81 -22.59 23.40 -18.32
C GLY D 81 -23.22 22.60 -19.43
N ALA D 82 -23.17 21.27 -19.33
CA ALA D 82 -23.92 20.38 -20.22
C ALA D 82 -24.65 19.30 -19.41
N VAL D 83 -25.71 18.73 -19.97
CA VAL D 83 -26.40 17.61 -19.38
C VAL D 83 -25.69 16.32 -19.85
N LEU D 84 -25.35 15.41 -18.93
CA LEU D 84 -24.84 14.10 -19.33
C LEU D 84 -25.31 13.01 -18.40
N ASN D 85 -25.99 12.00 -18.96
CA ASN D 85 -26.13 10.72 -18.30
C ASN D 85 -24.88 9.87 -18.60
N VAL D 86 -23.97 9.82 -17.63
CA VAL D 86 -22.69 9.12 -17.77
C VAL D 86 -22.84 7.60 -18.06
N ASN D 87 -24.03 7.06 -17.80
CA ASN D 87 -24.33 5.68 -18.09
C ASN D 87 -24.81 5.41 -19.53
N ASP D 88 -25.17 6.47 -20.27
CA ASP D 88 -25.53 6.35 -21.69
C ASP D 88 -24.30 6.52 -22.56
N ALA D 89 -23.85 5.39 -23.10
CA ALA D 89 -22.64 5.34 -23.92
C ALA D 89 -22.76 6.20 -25.15
N THR D 90 -23.96 6.34 -25.72
CA THR D 90 -24.15 7.23 -26.89
C THR D 90 -23.88 8.66 -26.51
N ALA D 91 -24.49 9.10 -25.42
CA ALA D 91 -24.35 10.48 -24.94
C ALA D 91 -22.90 10.78 -24.57
N VAL D 92 -22.17 9.79 -24.06
CA VAL D 92 -20.76 9.98 -23.73
C VAL D 92 -19.85 10.14 -24.98
N ASP D 93 -19.95 9.24 -25.96
CA ASP D 93 -19.15 9.42 -27.19
C ASP D 93 -19.60 10.72 -27.90
N ALA D 94 -20.87 11.05 -27.77
CA ALA D 94 -21.43 12.22 -28.41
C ALA D 94 -20.92 13.54 -27.81
N LEU D 95 -20.80 13.61 -26.48
CA LEU D 95 -20.19 14.81 -25.83
C LEU D 95 -18.71 14.98 -26.21
N VAL D 96 -17.97 13.89 -26.31
CA VAL D 96 -16.55 13.96 -26.67
C VAL D 96 -16.43 14.50 -28.09
N GLU D 97 -17.28 13.96 -28.96
CA GLU D 97 -17.31 14.38 -30.34
C GLU D 97 -17.78 15.83 -30.45
N SER D 98 -18.83 16.20 -29.71
CA SER D 98 -19.39 17.54 -29.82
C SER D 98 -18.45 18.57 -29.19
N THR D 99 -17.63 18.13 -28.23
CA THR D 99 -16.56 18.95 -27.68
C THR D 99 -15.41 19.17 -28.66
N LEU D 100 -15.01 18.11 -29.36
CA LEU D 100 -13.94 18.26 -30.34
C LEU D 100 -14.44 19.18 -31.46
N LYS D 101 -15.56 18.83 -32.09
CA LYS D 101 -16.11 19.74 -33.09
C LYS D 101 -15.95 21.20 -32.67
N GLU D 102 -16.50 21.59 -31.51
CA GLU D 102 -16.53 23.01 -31.10
C GLU D 102 -15.20 23.62 -30.66
N PHE D 103 -14.30 22.78 -30.13
CA PHE D 103 -13.04 23.28 -29.53
C PHE D 103 -11.80 22.70 -30.15
N GLY D 104 -11.96 21.58 -30.84
CA GLY D 104 -10.87 20.91 -31.56
C GLY D 104 -9.74 20.43 -30.67
N ALA D 105 -10.11 19.95 -29.48
CA ALA D 105 -9.15 19.48 -28.50
C ALA D 105 -9.88 18.95 -27.24
N LEU D 106 -9.23 18.01 -26.57
CA LEU D 106 -9.72 17.49 -25.30
C LEU D 106 -8.51 17.01 -24.54
N ASN D 107 -8.05 17.84 -23.63
CA ASN D 107 -6.79 17.63 -22.97
C ASN D 107 -6.94 17.05 -21.56
N VAL D 108 -8.06 17.37 -20.90
CA VAL D 108 -8.26 16.96 -19.50
C VAL D 108 -9.63 16.40 -19.26
N LEU D 109 -9.69 15.24 -18.60
CA LEU D 109 -10.93 14.67 -18.12
C LEU D 109 -10.83 14.51 -16.62
N VAL D 110 -11.86 14.97 -15.90
CA VAL D 110 -11.97 14.70 -14.49
C VAL D 110 -13.26 13.95 -14.31
N ASN D 111 -13.13 12.72 -13.82
CA ASN D 111 -14.27 11.87 -13.53
C ASN D 111 -14.63 12.10 -12.10
N ASN D 112 -15.62 12.97 -11.91
CA ASN D 112 -16.20 13.21 -10.63
C ASN D 112 -17.65 12.78 -10.49
N ALA D 113 -18.32 12.37 -11.58
CA ALA D 113 -19.64 11.77 -11.48
C ALA D 113 -19.55 10.57 -10.59
N GLY D 114 -20.64 10.26 -9.93
CA GLY D 114 -20.67 9.15 -8.98
C GLY D 114 -21.64 9.50 -7.89
N ILE D 115 -22.46 8.53 -7.52
CA ILE D 115 -23.37 8.64 -6.40
C ILE D 115 -23.04 7.49 -5.44
N THR D 116 -23.60 7.56 -4.23
CA THR D 116 -23.58 6.49 -3.26
C THR D 116 -24.99 5.91 -3.14
N GLN D 117 -25.06 4.65 -2.72
CA GLN D 117 -26.32 3.96 -2.39
C GLN D 117 -25.99 3.08 -1.19
N ASP D 118 -25.79 3.71 -0.03
CA ASP D 118 -25.27 3.05 1.14
C ASP D 118 -26.29 2.09 1.71
N GLN D 119 -25.83 0.92 2.12
CA GLN D 119 -26.70 -0.07 2.72
C GLN D 119 -25.76 -1.16 3.16
N LEU D 120 -26.12 -1.86 4.25
CA LEU D 120 -25.30 -2.98 4.73
C LEU D 120 -25.37 -4.07 3.69
N ALA D 121 -24.24 -4.75 3.47
CA ALA D 121 -24.12 -5.75 2.40
C ALA D 121 -25.19 -6.82 2.55
N MET D 122 -25.50 -7.23 3.79
CA MET D 122 -26.57 -8.22 4.06
C MET D 122 -27.91 -7.75 3.48
N ARG D 123 -28.21 -6.45 3.62
CA ARG D 123 -29.49 -5.90 3.17
C ARG D 123 -29.43 -5.36 1.75
N MET D 124 -28.29 -5.40 1.10
CA MET D 124 -28.13 -4.61 -0.11
C MET D 124 -28.86 -5.24 -1.30
N LYS D 125 -29.62 -4.42 -2.02
CA LYS D 125 -30.32 -4.86 -3.25
C LYS D 125 -29.38 -4.78 -4.45
N ASP D 126 -29.61 -5.64 -5.44
CA ASP D 126 -28.80 -5.72 -6.63
C ASP D 126 -28.73 -4.39 -7.37
N ASP D 127 -29.82 -3.62 -7.31
CA ASP D 127 -29.83 -2.31 -7.99
C ASP D 127 -29.05 -1.25 -7.23
N GLU D 128 -28.95 -1.35 -5.90
CA GLU D 128 -28.05 -0.49 -5.12
C GLU D 128 -26.56 -0.81 -5.43
N TRP D 129 -26.22 -2.08 -5.61
CA TRP D 129 -24.88 -2.45 -6.07
C TRP D 129 -24.63 -1.91 -7.50
N ASP D 130 -25.58 -2.12 -8.41
CA ASP D 130 -25.42 -1.71 -9.82
C ASP D 130 -25.36 -0.21 -9.96
N ALA D 131 -26.19 0.49 -9.24
CA ALA D 131 -26.23 1.91 -9.43
C ALA D 131 -24.83 2.48 -9.12
N VAL D 132 -24.20 2.00 -8.04
CA VAL D 132 -22.93 2.56 -7.60
C VAL D 132 -21.81 2.09 -8.54
N ILE D 133 -21.82 0.81 -8.93
CA ILE D 133 -20.78 0.31 -9.83
C ILE D 133 -20.89 0.99 -11.19
N ASP D 134 -22.10 1.09 -11.71
CA ASP D 134 -22.28 1.71 -13.01
C ASP D 134 -21.78 3.13 -13.02
N THR D 135 -22.21 3.88 -12.02
CA THR D 135 -21.98 5.30 -11.98
C THR D 135 -20.55 5.65 -11.60
N ASN D 136 -19.93 4.88 -10.70
CA ASN D 136 -18.58 5.20 -10.23
C ASN D 136 -17.46 4.47 -10.92
N LEU D 137 -17.73 3.31 -11.51
CA LEU D 137 -16.70 2.50 -12.13
C LEU D 137 -16.89 2.39 -13.64
N LYS D 138 -18.04 1.87 -14.06
CA LYS D 138 -18.28 1.67 -15.48
C LYS D 138 -18.27 3.01 -16.27
N ALA D 139 -18.94 4.02 -15.71
CA ALA D 139 -18.91 5.40 -16.28
C ALA D 139 -17.49 5.89 -16.49
N VAL D 140 -16.65 5.64 -15.49
CA VAL D 140 -15.23 6.00 -15.58
C VAL D 140 -14.49 5.26 -16.69
N PHE D 141 -14.81 3.98 -16.88
CA PHE D 141 -14.28 3.26 -18.03
C PHE D 141 -14.79 3.95 -19.30
N ARG D 142 -16.09 4.06 -19.45
CA ARG D 142 -16.66 4.57 -20.70
C ARG D 142 -16.14 5.94 -21.05
N LEU D 143 -16.07 6.84 -20.09
CA LEU D 143 -15.57 8.18 -20.34
C LEU D 143 -14.10 8.20 -20.62
N SER D 144 -13.33 7.35 -19.95
CA SER D 144 -11.89 7.36 -20.17
C SER D 144 -11.60 6.78 -21.57
N ARG D 145 -12.27 5.68 -21.89
CA ARG D 145 -12.16 5.07 -23.23
C ARG D 145 -12.52 6.10 -24.26
N ALA D 146 -13.61 6.82 -24.06
CA ALA D 146 -14.06 7.81 -25.05
C ALA D 146 -13.02 8.89 -25.25
N VAL D 147 -12.39 9.37 -24.17
CA VAL D 147 -11.49 10.51 -24.30
C VAL D 147 -10.11 10.07 -24.73
N LEU D 148 -9.84 8.78 -24.62
CA LEU D 148 -8.57 8.26 -25.03
C LEU D 148 -8.32 8.45 -26.53
N ARG D 149 -9.38 8.48 -27.32
CA ARG D 149 -9.23 8.57 -28.77
C ARG D 149 -8.51 9.86 -29.12
N PRO D 150 -9.06 11.02 -28.74
CA PRO D 150 -8.28 12.22 -29.04
C PRO D 150 -6.95 12.38 -28.27
N MET D 151 -6.86 11.84 -27.06
CA MET D 151 -5.61 11.97 -26.31
C MET D 151 -4.53 11.06 -26.88
N MET D 152 -4.90 9.82 -27.13
CA MET D 152 -4.01 8.90 -27.86
C MET D 152 -3.57 9.53 -29.18
N LYS D 153 -4.50 10.16 -29.88
CA LYS D 153 -4.18 10.78 -31.17
C LYS D 153 -3.26 11.95 -30.94
N ALA D 154 -3.56 12.79 -29.95
CA ALA D 154 -2.76 14.02 -29.64
C ALA D 154 -1.45 13.74 -28.88
N ARG D 155 -1.25 12.51 -28.41
CA ARG D 155 -0.02 12.12 -27.67
C ARG D 155 0.17 12.96 -26.37
N GLY D 156 -0.96 13.17 -25.69
CA GLY D 156 -0.99 13.90 -24.44
C GLY D 156 -2.37 13.96 -23.84
N GLY D 157 -2.43 14.21 -22.53
CA GLY D 157 -3.69 14.41 -21.83
C GLY D 157 -3.62 14.07 -20.34
N ARG D 158 -4.72 14.29 -19.63
CA ARG D 158 -4.79 14.07 -18.19
C ARG D 158 -6.15 13.49 -17.86
N ILE D 159 -6.15 12.30 -17.27
CA ILE D 159 -7.34 11.71 -16.69
C ILE D 159 -7.13 11.70 -15.17
N VAL D 160 -7.99 12.44 -14.47
CA VAL D 160 -7.92 12.49 -13.02
C VAL D 160 -9.25 11.96 -12.54
N ASN D 161 -9.20 10.85 -11.80
CA ASN D 161 -10.41 10.21 -11.29
C ASN D 161 -10.54 10.57 -9.83
N ILE D 162 -11.72 11.07 -9.47
CA ILE D 162 -12.04 11.36 -8.08
C ILE D 162 -12.64 10.08 -7.47
N THR D 163 -11.90 9.52 -6.53
CA THR D 163 -12.31 8.30 -5.85
C THR D 163 -12.68 8.69 -4.41
N SER D 164 -12.02 8.09 -3.44
CA SER D 164 -12.42 8.29 -2.04
C SER D 164 -11.53 7.39 -1.22
N VAL D 165 -11.21 7.89 -0.03
CA VAL D 165 -10.60 7.13 1.05
C VAL D 165 -11.28 5.75 1.23
N VAL D 166 -12.61 5.71 0.99
CA VAL D 166 -13.39 4.50 1.17
C VAL D 166 -12.83 3.37 0.28
N GLY D 167 -12.31 3.70 -0.90
CA GLY D 167 -11.65 2.70 -1.76
C GLY D 167 -10.43 2.01 -1.15
N SER D 168 -9.73 2.72 -0.27
CA SER D 168 -8.50 2.25 0.32
C SER D 168 -8.72 1.57 1.65
N ALA D 169 -9.65 2.11 2.46
CA ALA D 169 -9.78 1.75 3.86
C ALA D 169 -11.07 0.98 4.13
N GLY D 170 -12.04 1.03 3.21
CA GLY D 170 -13.32 0.41 3.44
C GLY D 170 -14.16 1.29 4.34
N ASN D 171 -15.41 0.91 4.51
CA ASN D 171 -16.32 1.62 5.41
C ASN D 171 -17.60 0.80 5.52
N PRO D 172 -18.06 0.54 6.75
CA PRO D 172 -19.27 -0.26 6.84
C PRO D 172 -20.45 0.47 6.18
N GLY D 173 -21.35 -0.30 5.58
CA GLY D 173 -22.47 0.28 4.81
C GLY D 173 -22.09 0.79 3.43
N GLN D 174 -20.84 0.62 3.02
CA GLN D 174 -20.37 1.14 1.74
C GLN D 174 -19.54 0.13 0.95
N VAL D 175 -19.96 -1.14 0.94
CA VAL D 175 -19.27 -2.21 0.24
C VAL D 175 -19.36 -1.91 -1.27
N ASN D 176 -20.52 -1.44 -1.76
CA ASN D 176 -20.59 -1.09 -3.19
C ASN D 176 -19.65 0.04 -3.54
N TYR D 177 -19.63 1.06 -2.70
CA TYR D 177 -18.85 2.25 -3.01
C TYR D 177 -17.35 1.95 -2.93
N ALA D 178 -16.97 1.19 -1.90
CA ALA D 178 -15.60 0.73 -1.75
C ALA D 178 -15.13 -0.07 -2.96
N ALA D 179 -15.96 -0.99 -3.42
CA ALA D 179 -15.59 -1.82 -4.56
C ALA D 179 -15.39 -0.95 -5.80
N ALA D 180 -16.34 -0.05 -6.06
CA ALA D 180 -16.27 0.86 -7.21
C ALA D 180 -15.06 1.75 -7.21
N LYS D 181 -14.83 2.41 -6.10
CA LYS D 181 -13.71 3.35 -5.99
C LYS D 181 -12.34 2.64 -5.99
N ALA D 182 -12.24 1.53 -5.28
CA ALA D 182 -11.04 0.66 -5.36
C ALA D 182 -10.86 0.13 -6.78
N GLY D 183 -11.97 -0.12 -7.47
CA GLY D 183 -11.91 -0.56 -8.87
C GLY D 183 -11.37 0.51 -9.78
N VAL D 184 -11.76 1.75 -9.50
CA VAL D 184 -11.26 2.88 -10.29
C VAL D 184 -9.74 3.03 -10.15
N ALA D 185 -9.20 2.95 -8.95
CA ALA D 185 -7.71 2.97 -8.71
C ALA D 185 -6.99 1.88 -9.48
N GLY D 186 -7.60 0.69 -9.52
CA GLY D 186 -6.93 -0.45 -10.12
C GLY D 186 -6.93 -0.33 -11.64
N MET D 187 -8.03 0.18 -12.19
CA MET D 187 -8.13 0.52 -13.60
C MET D 187 -7.12 1.61 -13.92
N THR D 188 -7.01 2.61 -13.04
CA THR D 188 -6.06 3.73 -13.26
C THR D 188 -4.62 3.23 -13.47
N ARG D 189 -4.20 2.31 -12.59
CA ARG D 189 -2.87 1.79 -12.59
C ARG D 189 -2.67 0.99 -13.86
N ALA D 190 -3.57 0.08 -14.15
CA ALA D 190 -3.51 -0.65 -15.42
C ALA D 190 -3.53 0.29 -16.63
N LEU D 191 -4.42 1.28 -16.62
CA LEU D 191 -4.51 2.16 -17.76
C LEU D 191 -3.23 3.03 -17.91
N ALA D 192 -2.65 3.43 -16.80
CA ALA D 192 -1.44 4.24 -16.80
C ALA D 192 -0.28 3.49 -17.44
N ARG D 193 -0.20 2.20 -17.18
CA ARG D 193 0.86 1.36 -17.75
C ARG D 193 0.62 1.15 -19.24
N GLU D 194 -0.65 1.01 -19.58
CA GLU D 194 -1.05 0.73 -20.94
C GLU D 194 -0.86 1.92 -21.91
N ILE D 195 -1.05 3.16 -21.45
CA ILE D 195 -1.01 4.33 -22.33
C ILE D 195 0.12 5.30 -22.00
N GLY D 196 1.06 4.84 -21.18
CA GLY D 196 2.09 5.71 -20.65
C GLY D 196 3.08 6.15 -21.70
N SER D 197 3.39 5.26 -22.64
CA SER D 197 4.29 5.61 -23.73
C SER D 197 3.79 6.89 -24.45
N ARG D 198 2.48 7.03 -24.60
CA ARG D 198 1.88 8.16 -25.31
C ARG D 198 1.76 9.44 -24.49
N GLY D 199 2.23 9.43 -23.25
CA GLY D 199 2.41 10.68 -22.51
C GLY D 199 1.23 11.06 -21.64
N ILE D 200 0.10 10.37 -21.79
CA ILE D 200 -1.09 10.67 -21.01
C ILE D 200 -0.86 10.19 -19.58
N THR D 201 -1.20 11.03 -18.60
CA THR D 201 -1.18 10.56 -17.22
C THR D 201 -2.59 10.24 -16.71
N VAL D 202 -2.68 9.21 -15.89
CA VAL D 202 -3.93 8.81 -15.29
C VAL D 202 -3.69 8.63 -13.78
N ASN D 203 -4.44 9.36 -12.97
CA ASN D 203 -4.23 9.38 -11.53
C ASN D 203 -5.58 9.48 -10.87
N CYS D 204 -5.57 9.21 -9.56
CA CYS D 204 -6.72 9.35 -8.72
C CYS D 204 -6.46 10.39 -7.66
N VAL D 205 -7.50 11.11 -7.27
CA VAL D 205 -7.48 11.95 -6.09
C VAL D 205 -8.57 11.37 -5.20
N ALA D 206 -8.20 11.01 -3.98
CA ALA D 206 -9.05 10.34 -3.01
C ALA D 206 -9.41 11.27 -1.90
N PRO D 207 -10.60 11.92 -1.99
CA PRO D 207 -11.07 12.72 -0.85
C PRO D 207 -11.32 11.88 0.42
N GLY D 208 -10.95 12.41 1.56
CA GLY D 208 -11.45 11.86 2.83
C GLY D 208 -12.83 12.41 3.09
N PHE D 209 -13.06 12.94 4.29
CA PHE D 209 -14.33 13.55 4.69
C PHE D 209 -14.30 15.05 4.38
N ILE D 210 -15.12 15.44 3.41
CA ILE D 210 -15.14 16.82 2.89
C ILE D 210 -16.44 17.50 3.29
N ASP D 211 -16.33 18.74 3.73
CA ASP D 211 -17.47 19.53 4.13
C ASP D 211 -18.15 20.07 2.85
N THR D 212 -19.33 19.55 2.53
CA THR D 212 -20.08 19.94 1.34
C THR D 212 -21.51 20.39 1.72
N ASP D 213 -22.47 19.47 1.56
CA ASP D 213 -23.88 19.70 1.91
C ASP D 213 -24.49 18.40 2.48
N GLU D 221 -22.69 16.16 17.24
CA GLU D 221 -21.66 15.14 17.52
C GLU D 221 -21.74 13.92 16.58
N GLN D 222 -22.31 14.11 15.39
CA GLN D 222 -22.07 13.22 14.25
C GLN D 222 -20.86 13.75 13.48
N GLN D 223 -20.68 15.07 13.52
CA GLN D 223 -19.51 15.76 12.99
C GLN D 223 -18.27 15.62 13.89
N THR D 224 -18.45 15.34 15.18
CA THR D 224 -17.31 15.21 16.11
C THR D 224 -16.66 13.83 16.01
N ALA D 225 -17.46 12.83 15.64
CA ALA D 225 -16.99 11.45 15.44
C ALA D 225 -16.27 11.31 14.08
N LEU D 226 -16.65 12.15 13.11
CA LEU D 226 -15.90 12.19 11.87
C LEU D 226 -14.50 12.76 12.19
N LYS D 227 -14.45 13.88 12.94
CA LYS D 227 -13.15 14.58 13.18
C LYS D 227 -12.17 13.77 14.02
N THR D 228 -12.71 13.01 14.98
CA THR D 228 -11.98 11.99 15.74
C THR D 228 -11.08 11.12 14.89
N GLN D 229 -11.56 10.73 13.72
CA GLN D 229 -10.80 9.89 12.79
C GLN D 229 -9.70 10.65 12.05
N ILE D 230 -9.65 11.97 12.22
CA ILE D 230 -8.84 12.84 11.34
C ILE D 230 -7.77 13.61 12.08
N PRO D 231 -6.51 13.22 11.90
CA PRO D 231 -5.37 13.90 12.53
C PRO D 231 -5.44 15.42 12.47
N LEU D 232 -5.76 15.96 11.32
CA LEU D 232 -5.90 17.41 11.22
C LEU D 232 -7.11 18.02 11.96
N GLY D 233 -8.08 17.18 12.34
CA GLY D 233 -9.11 17.63 13.31
C GLY D 233 -10.22 18.45 12.67
N ARG D 234 -10.32 18.35 11.36
CA ARG D 234 -11.31 19.14 10.64
C ARG D 234 -11.68 18.39 9.36
N LEU D 235 -12.86 18.71 8.84
CA LEU D 235 -13.27 18.22 7.56
C LEU D 235 -12.51 18.98 6.50
N GLY D 236 -12.23 18.33 5.39
CA GLY D 236 -11.66 19.04 4.26
C GLY D 236 -12.65 19.96 3.54
N SER D 237 -12.14 20.76 2.62
CA SER D 237 -13.04 21.56 1.76
C SER D 237 -13.05 21.03 0.29
N PRO D 238 -14.06 21.44 -0.49
CA PRO D 238 -14.02 21.19 -1.93
C PRO D 238 -12.78 21.74 -2.63
N GLU D 239 -12.24 22.85 -2.11
CA GLU D 239 -11.07 23.51 -2.70
C GLU D 239 -9.78 22.70 -2.48
N ASP D 240 -9.71 21.97 -1.37
CA ASP D 240 -8.60 21.05 -1.14
C ASP D 240 -8.57 20.04 -2.27
N ILE D 241 -9.73 19.49 -2.64
CA ILE D 241 -9.72 18.56 -3.77
C ILE D 241 -9.39 19.28 -5.09
N ALA D 242 -9.98 20.46 -5.34
CA ALA D 242 -9.76 21.20 -6.60
C ALA D 242 -8.31 21.49 -6.82
N HIS D 243 -7.60 21.82 -5.76
CA HIS D 243 -6.18 22.17 -5.89
C HIS D 243 -5.35 20.95 -6.15
N ALA D 244 -5.69 19.81 -5.50
CA ALA D 244 -4.95 18.57 -5.82
C ALA D 244 -5.15 18.17 -7.27
N VAL D 245 -6.36 18.29 -7.75
CA VAL D 245 -6.70 17.93 -9.13
C VAL D 245 -6.00 18.88 -10.12
N ALA D 246 -6.09 20.17 -9.84
CA ALA D 246 -5.48 21.17 -10.70
C ALA D 246 -3.99 20.92 -10.79
N PHE D 247 -3.36 20.55 -9.66
CA PHE D 247 -1.97 20.19 -9.67
C PHE D 247 -1.69 19.01 -10.65
N LEU D 248 -2.41 17.90 -10.49
CA LEU D 248 -2.17 16.74 -11.32
C LEU D 248 -2.47 16.99 -12.81
N ALA D 249 -3.41 17.89 -13.06
CA ALA D 249 -3.81 18.25 -14.41
C ALA D 249 -2.78 19.11 -15.12
N SER D 250 -1.88 19.74 -14.38
CA SER D 250 -0.90 20.64 -14.98
C SER D 250 0.27 19.92 -15.73
N PRO D 251 0.96 20.65 -16.65
CA PRO D 251 2.13 20.03 -17.34
C PRO D 251 3.17 19.63 -16.35
N GLN D 252 3.30 20.43 -15.31
CA GLN D 252 4.30 20.24 -14.28
C GLN D 252 4.10 18.99 -13.42
N ALA D 253 2.99 18.28 -13.63
CA ALA D 253 2.75 16.99 -12.97
C ALA D 253 2.84 15.86 -13.99
N GLY D 254 3.52 16.10 -15.11
CA GLY D 254 3.56 15.16 -16.24
C GLY D 254 4.33 13.86 -16.03
N TYR D 255 5.11 13.79 -14.95
CA TYR D 255 5.82 12.58 -14.53
C TYR D 255 5.13 11.80 -13.42
N ILE D 256 3.92 12.21 -13.04
CA ILE D 256 3.19 11.53 -12.02
C ILE D 256 2.10 10.77 -12.72
N THR D 257 2.14 9.45 -12.66
CA THR D 257 1.06 8.68 -13.22
C THR D 257 0.80 7.40 -12.46
N GLY D 258 -0.45 6.93 -12.56
CA GLY D 258 -0.91 5.70 -11.93
C GLY D 258 -0.94 5.72 -10.42
N THR D 259 -1.00 6.92 -9.83
CA THR D 259 -1.01 7.07 -8.39
C THR D 259 -2.37 7.54 -7.84
N THR D 260 -2.51 7.40 -6.53
CA THR D 260 -3.58 8.05 -5.82
C THR D 260 -3.01 9.13 -4.92
N LEU D 261 -3.42 10.37 -5.17
CA LEU D 261 -3.12 11.46 -4.25
C LEU D 261 -4.28 11.54 -3.21
N HIS D 262 -3.99 11.15 -1.97
CA HIS D 262 -4.93 11.15 -0.84
C HIS D 262 -5.04 12.54 -0.22
N VAL D 263 -6.27 13.03 -0.06
CA VAL D 263 -6.57 14.34 0.43
C VAL D 263 -7.62 14.14 1.53
N ASN D 264 -7.14 13.68 2.69
CA ASN D 264 -8.00 13.12 3.72
C ASN D 264 -7.66 13.52 5.15
N GLY D 265 -6.75 14.48 5.28
CA GLY D 265 -6.37 15.04 6.56
C GLY D 265 -5.63 14.09 7.46
N GLY D 266 -5.12 12.99 6.91
CA GLY D 266 -4.40 11.98 7.69
C GLY D 266 -5.25 10.80 8.10
N MET D 267 -6.51 10.78 7.70
CA MET D 267 -7.42 9.68 8.04
C MET D 267 -6.93 8.33 7.53
N PHE D 268 -6.23 8.31 6.40
CA PHE D 268 -5.68 7.12 5.84
C PHE D 268 -4.36 7.49 5.24
N MET D 269 -3.35 6.74 5.61
CA MET D 269 -2.00 7.03 5.21
C MET D 269 -1.40 5.81 4.53
N SER D 270 -0.69 6.07 3.46
CA SER D 270 0.14 5.09 2.80
C SER D 270 1.25 5.83 2.05
#